data_7WUP
#
_entry.id   7WUP
#
_cell.length_a   49.409
_cell.length_b   111.045
_cell.length_c   66.491
_cell.angle_alpha   90.000
_cell.angle_beta   98.044
_cell.angle_gamma   90.000
#
_symmetry.space_group_name_H-M   'P 1 21 1'
#
loop_
_entity.id
_entity.type
_entity.pdbx_description
1 polymer ApiI
2 non-polymer 1,2-ETHANEDIOL
3 non-polymer GLYCEROL
4 non-polymer 2-AMINO-2-HYDROXYMETHYL-PROPANE-1,3-DIOL
5 non-polymer 'CHLORIDE ION'
6 non-polymer DI(HYDROXYETHYL)ETHER
7 water water
#
_entity_poly.entity_id   1
_entity_poly.type   'polypeptide(L)'
_entity_poly.pdbx_seq_one_letter_code
;(MSE)GSSHHHHHHSSGLVPRGS(MSE)TSSPATASPAVADQLDSLAALLTSRAQAVRNGAAVPPQQHVQLVKGLKDAAG
LVNEAREDLGDL(MSE)(MSE)SFVQVTALRLLIKWKVFEAIPLEGTISYADVAARVGIDVNLITRLSWVLVATGVLKQD
GSDKIQHTARSRPYASRNPLSA(MSE)(MSE)IIGFDEYLPALLA(MSE)PGYFDTYGKKEPFGEKHTVKAFSEGNPELT
VNQILASSPERLGN(MSE)TLA(MSE)AA(MSE)EN(MSE)YPLSGVYDFSWVAAKAASDSNRPLIVDVGGAKGHTLQAI
CKDTPALPIERCVLEDLPRVIQVVKDTSDAGAQAPQLLG(MSE)DFNQEQPVKGAVVYLIRRCLHDYSDEQCVRILGHLA
AA(MSE)AADSVLLIGETVLTNPPSRPTA(MSE)(MSE)DILLATIGGKERTIDAFGAVVGRAGLRIKGVCKQEGGDFSY
IECVKA
;
_entity_poly.pdbx_strand_id   A,B
#
loop_
_chem_comp.id
_chem_comp.type
_chem_comp.name
_chem_comp.formula
CL non-polymer 'CHLORIDE ION' 'Cl -1'
EDO non-polymer 1,2-ETHANEDIOL 'C2 H6 O2'
GOL non-polymer GLYCEROL 'C3 H8 O3'
PEG non-polymer DI(HYDROXYETHYL)ETHER 'C4 H10 O3'
TRS non-polymer 2-AMINO-2-HYDROXYMETHYL-PROPANE-1,3-DIOL 'C4 H12 N O3 1'
#
# COMPACT_ATOMS: atom_id res chain seq x y z
N PRO A 29 -12.82 -19.12 19.52
CA PRO A 29 -11.56 -18.72 20.16
C PRO A 29 -11.56 -17.27 20.63
N ALA A 30 -10.38 -16.65 20.67
CA ALA A 30 -10.27 -15.26 21.10
C ALA A 30 -10.65 -14.28 19.99
N VAL A 31 -10.67 -14.72 18.74
CA VAL A 31 -11.05 -13.84 17.64
C VAL A 31 -12.54 -13.51 17.68
N ALA A 32 -13.32 -14.27 18.44
CA ALA A 32 -14.78 -14.10 18.44
C ALA A 32 -15.22 -12.94 19.32
N ASP A 33 -14.54 -12.71 20.45
CA ASP A 33 -14.92 -11.63 21.35
C ASP A 33 -14.25 -10.31 21.02
N GLN A 34 -13.23 -10.32 20.15
CA GLN A 34 -12.76 -9.05 19.59
C GLN A 34 -13.84 -8.39 18.76
N LEU A 35 -14.58 -9.18 17.97
CA LEU A 35 -15.68 -8.65 17.18
C LEU A 35 -16.82 -8.16 18.06
N ASP A 36 -17.01 -8.79 19.22
CA ASP A 36 -18.12 -8.39 20.09
C ASP A 36 -17.88 -7.01 20.69
N SER A 37 -16.63 -6.71 21.06
CA SER A 37 -16.35 -5.40 21.67
C SER A 37 -16.36 -4.30 20.63
N LEU A 38 -15.81 -4.55 19.44
CA LEU A 38 -15.94 -3.58 18.36
C LEU A 38 -17.40 -3.34 18.01
N ALA A 39 -18.21 -4.40 18.06
CA ALA A 39 -19.65 -4.24 17.89
C ALA A 39 -20.21 -3.29 18.93
N ALA A 40 -19.92 -3.55 20.21
CA ALA A 40 -20.41 -2.67 21.27
C ALA A 40 -19.84 -1.27 21.14
N LEU A 41 -18.56 -1.15 20.75
CA LEU A 41 -17.99 0.17 20.50
C LEU A 41 -18.69 0.88 19.35
N LEU A 42 -19.17 0.12 18.36
CA LEU A 42 -19.87 0.73 17.24
C LEU A 42 -21.25 1.23 17.65
N THR A 43 -21.97 0.45 18.47
CA THR A 43 -23.28 0.91 18.94
C THR A 43 -23.14 2.17 19.79
N SER A 44 -22.09 2.23 20.62
CA SER A 44 -21.88 3.41 21.45
C SER A 44 -21.63 4.65 20.61
N ARG A 45 -20.83 4.52 19.55
CA ARG A 45 -20.59 5.66 18.66
C ARG A 45 -21.82 5.97 17.82
N ALA A 46 -22.64 4.96 17.53
CA ALA A 46 -23.85 5.19 16.74
C ALA A 46 -24.83 6.08 17.49
N GLN A 47 -25.15 5.73 18.74
CA GLN A 47 -26.03 6.57 19.54
C GLN A 47 -25.38 7.91 19.86
N ALA A 48 -24.05 7.96 19.92
CA ALA A 48 -23.35 9.22 20.16
C ALA A 48 -23.55 10.18 18.99
N VAL A 49 -23.31 9.70 17.77
CA VAL A 49 -23.51 10.55 16.60
C VAL A 49 -25.00 10.81 16.35
N ARG A 50 -25.88 9.99 16.92
CA ARG A 50 -27.31 10.29 16.86
C ARG A 50 -27.65 11.50 17.72
N ASN A 51 -26.97 11.66 18.85
CA ASN A 51 -27.19 12.78 19.76
C ASN A 51 -26.31 13.98 19.45
N GLY A 52 -25.52 13.92 18.37
CA GLY A 52 -24.62 15.00 18.05
C GLY A 52 -23.54 15.23 19.08
N ALA A 53 -23.33 14.27 19.97
CA ALA A 53 -22.35 14.43 21.02
C ALA A 53 -20.93 14.39 20.45
N ALA A 54 -20.08 15.28 20.94
CA ALA A 54 -18.69 15.30 20.53
C ALA A 54 -17.99 14.02 20.97
N VAL A 55 -17.00 13.61 20.20
CA VAL A 55 -16.27 12.37 20.43
C VAL A 55 -14.85 12.72 20.84
N PRO A 56 -14.39 12.27 22.02
CA PRO A 56 -13.01 12.55 22.40
C PRO A 56 -12.04 11.92 21.44
N PRO A 57 -10.82 12.48 21.33
CA PRO A 57 -9.85 11.93 20.37
C PRO A 57 -9.48 10.48 20.66
N GLN A 58 -9.35 10.11 21.94
CA GLN A 58 -9.00 8.74 22.27
C GLN A 58 -10.08 7.76 21.84
N GLN A 59 -11.35 8.18 21.89
CA GLN A 59 -12.43 7.33 21.41
C GLN A 59 -12.40 7.20 19.89
N HIS A 60 -12.07 8.29 19.20
CA HIS A 60 -11.95 8.25 17.74
C HIS A 60 -10.85 7.28 17.32
N VAL A 61 -9.69 7.35 17.98
CA VAL A 61 -8.56 6.50 17.60
C VAL A 61 -8.86 5.04 17.90
N GLN A 62 -9.53 4.77 19.03
CA GLN A 62 -9.88 3.40 19.37
C GLN A 62 -10.82 2.78 18.33
N LEU A 63 -11.76 3.59 17.83
CA LEU A 63 -12.65 3.09 16.78
C LEU A 63 -11.89 2.88 15.47
N VAL A 64 -10.95 3.79 15.16
CA VAL A 64 -10.13 3.64 13.97
C VAL A 64 -9.32 2.35 14.03
N LYS A 65 -8.70 2.09 15.19
CA LYS A 65 -7.93 0.86 15.36
C LYS A 65 -8.84 -0.36 15.36
N GLY A 66 -9.99 -0.27 16.03
CA GLY A 66 -10.89 -1.42 16.10
C GLY A 66 -11.43 -1.82 14.74
N LEU A 67 -11.76 -0.84 13.90
CA LEU A 67 -12.24 -1.15 12.56
C LEU A 67 -11.18 -1.88 11.75
N LYS A 68 -9.93 -1.43 11.85
CA LYS A 68 -8.85 -2.05 11.06
C LYS A 68 -8.46 -3.40 11.64
N ASP A 69 -8.51 -3.54 12.97
CA ASP A 69 -8.19 -4.83 13.59
C ASP A 69 -9.14 -5.92 13.10
N ALA A 70 -10.45 -5.61 13.06
CA ALA A 70 -11.43 -6.59 12.63
C ALA A 70 -11.27 -6.94 11.15
N ALA A 71 -10.86 -5.98 10.32
CA ALA A 71 -10.73 -6.24 8.89
C ALA A 71 -9.66 -7.29 8.61
N GLY A 72 -8.58 -7.31 9.40
CA GLY A 72 -7.58 -8.35 9.25
C GLY A 72 -8.01 -9.68 9.82
N LEU A 73 -8.81 -9.67 10.89
CA LEU A 73 -9.32 -10.92 11.45
C LEU A 73 -10.37 -11.55 10.53
N VAL A 74 -11.17 -10.74 9.84
CA VAL A 74 -12.20 -11.29 8.98
C VAL A 74 -11.64 -11.74 7.63
N ASN A 75 -10.62 -11.05 7.13
CA ASN A 75 -10.04 -11.41 5.84
C ASN A 75 -9.28 -12.72 5.94
N GLU A 76 -9.44 -13.57 4.92
CA GLU A 76 -8.59 -14.73 4.78
C GLU A 76 -7.24 -14.29 4.19
N ALA A 77 -6.35 -15.26 3.99
CA ALA A 77 -4.99 -14.92 3.55
C ALA A 77 -4.99 -14.31 2.14
N ARG A 78 -5.86 -14.81 1.26
CA ARG A 78 -5.90 -14.28 -0.10
C ARG A 78 -6.52 -12.88 -0.14
N GLU A 79 -7.53 -12.64 0.69
CA GLU A 79 -8.17 -11.33 0.70
C GLU A 79 -7.23 -10.26 1.27
N ASP A 80 -6.41 -10.63 2.25
CA ASP A 80 -5.41 -9.70 2.76
C ASP A 80 -4.45 -9.26 1.67
N LEU A 81 -3.89 -10.22 0.93
CA LEU A 81 -2.98 -9.89 -0.15
C LEU A 81 -3.68 -9.10 -1.24
N GLY A 82 -4.95 -9.41 -1.51
CA GLY A 82 -5.71 -8.63 -2.47
C GLY A 82 -5.91 -7.21 -2.02
N ASP A 83 -6.13 -7.00 -0.72
CA ASP A 83 -6.28 -5.65 -0.18
C ASP A 83 -4.99 -4.87 -0.31
N LEU A 84 -3.86 -5.50 0.03
CA LEU A 84 -2.57 -4.83 -0.12
C LEU A 84 -2.31 -4.43 -1.55
N MSE A 85 -2.72 -5.27 -2.50
CA MSE A 85 -2.50 -4.99 -3.91
C MSE A 85 -3.38 -3.83 -4.39
O MSE A 85 -2.97 -3.05 -5.25
CB MSE A 85 -2.79 -6.24 -4.76
CG MSE A 85 -1.62 -7.20 -4.80
SE MSE A 85 -0.21 -6.56 -6.00
CE MSE A 85 1.21 -6.37 -4.69
N MSE A 86 -4.58 -3.73 -3.84
CA MSE A 86 -5.48 -2.65 -4.22
C MSE A 86 -4.96 -1.31 -3.71
O MSE A 86 -4.98 -0.32 -4.44
CB MSE A 86 -6.90 -2.89 -3.70
CG MSE A 86 -7.82 -1.68 -3.81
SE MSE A 86 -8.64 -1.41 -5.57
CE MSE A 86 -7.17 -0.60 -6.53
N SER A 87 -4.49 -1.30 -2.46
CA SER A 87 -3.92 -0.06 -1.92
C SER A 87 -2.77 0.43 -2.78
N PHE A 88 -1.94 -0.48 -3.30
CA PHE A 88 -0.86 -0.08 -4.20
C PHE A 88 -1.42 0.59 -5.45
N VAL A 89 -2.37 -0.06 -6.11
CA VAL A 89 -2.98 0.50 -7.31
C VAL A 89 -3.73 1.79 -6.97
N GLN A 90 -4.37 1.83 -5.80
CA GLN A 90 -5.09 3.01 -5.37
C GLN A 90 -4.16 4.20 -5.18
N VAL A 91 -3.00 3.98 -4.54
CA VAL A 91 -2.02 5.04 -4.38
C VAL A 91 -1.51 5.50 -5.74
N THR A 92 -1.29 4.55 -6.66
CA THR A 92 -0.82 4.90 -8.00
C THR A 92 -1.87 5.73 -8.74
N ALA A 93 -3.15 5.38 -8.60
CA ALA A 93 -4.20 6.17 -9.23
C ALA A 93 -4.30 7.55 -8.61
N LEU A 94 -4.10 7.66 -7.30
CA LEU A 94 -4.11 8.97 -6.65
C LEU A 94 -2.97 9.83 -7.14
N ARG A 95 -1.77 9.27 -7.22
CA ARG A 95 -0.60 10.04 -7.63
C ARG A 95 -0.75 10.54 -9.06
N LEU A 96 -1.16 9.67 -9.97
CA LEU A 96 -1.31 10.07 -11.37
C LEU A 96 -2.40 11.13 -11.52
N LEU A 97 -3.52 10.96 -10.82
CA LEU A 97 -4.61 11.92 -10.94
C LEU A 97 -4.27 13.25 -10.26
N ILE A 98 -3.40 13.22 -9.26
CA ILE A 98 -2.88 14.47 -8.69
C ILE A 98 -1.96 15.15 -9.69
N LYS A 99 -0.98 14.40 -10.22
CA LYS A 99 -0.03 14.96 -11.17
C LYS A 99 -0.73 15.52 -12.40
N TRP A 100 -1.75 14.84 -12.89
CA TRP A 100 -2.49 15.26 -14.07
C TRP A 100 -3.59 16.26 -13.76
N LYS A 101 -3.75 16.65 -12.49
CA LYS A 101 -4.73 17.66 -12.09
C LYS A 101 -6.15 17.26 -12.48
N VAL A 102 -6.44 15.96 -12.40
CA VAL A 102 -7.77 15.46 -12.73
C VAL A 102 -8.77 15.78 -11.63
N PHE A 103 -8.34 15.65 -10.36
CA PHE A 103 -9.21 16.05 -9.26
C PHE A 103 -9.57 17.52 -9.35
N GLU A 104 -8.60 18.37 -9.72
CA GLU A 104 -8.85 19.80 -9.81
C GLU A 104 -9.81 20.13 -10.95
N ALA A 105 -9.82 19.32 -12.00
CA ALA A 105 -10.74 19.54 -13.11
C ALA A 105 -12.16 19.07 -12.80
N ILE A 106 -12.34 18.20 -11.82
CA ILE A 106 -13.67 17.79 -11.39
C ILE A 106 -14.20 18.83 -10.41
N PRO A 107 -15.42 19.33 -10.60
CA PRO A 107 -15.96 20.33 -9.66
C PRO A 107 -16.09 19.76 -8.27
N LEU A 108 -15.90 20.62 -7.27
CA LEU A 108 -16.02 20.20 -5.88
C LEU A 108 -17.43 19.70 -5.57
N GLU A 109 -18.42 20.17 -6.32
CA GLU A 109 -19.79 19.70 -6.18
C GLU A 109 -20.38 19.48 -7.56
N GLY A 110 -21.31 18.52 -7.64
CA GLY A 110 -21.90 18.16 -8.91
C GLY A 110 -21.09 17.09 -9.63
N THR A 111 -21.59 16.73 -10.81
CA THR A 111 -21.00 15.67 -11.61
C THR A 111 -20.44 16.24 -12.91
N ILE A 112 -19.63 15.42 -13.58
CA ILE A 112 -19.03 15.78 -14.85
C ILE A 112 -18.66 14.49 -15.57
N SER A 113 -18.86 14.48 -16.88
CA SER A 113 -18.59 13.28 -17.67
C SER A 113 -17.09 13.01 -17.76
N TYR A 114 -16.76 11.73 -17.98
CA TYR A 114 -15.36 11.37 -18.18
C TYR A 114 -14.77 12.08 -19.39
N ALA A 115 -15.54 12.18 -20.48
CA ALA A 115 -15.05 12.86 -21.68
C ALA A 115 -14.74 14.32 -21.38
N ASP A 116 -15.57 14.98 -20.57
CA ASP A 116 -15.30 16.37 -20.21
C ASP A 116 -14.05 16.49 -19.35
N VAL A 117 -13.88 15.59 -18.39
CA VAL A 117 -12.63 15.58 -17.61
C VAL A 117 -11.43 15.36 -18.53
N ALA A 118 -11.56 14.44 -19.48
CA ALA A 118 -10.45 14.15 -20.39
C ALA A 118 -10.13 15.35 -21.28
N ALA A 119 -11.14 16.13 -21.66
CA ALA A 119 -10.88 17.31 -22.47
C ALA A 119 -10.22 18.41 -21.65
N ARG A 120 -10.58 18.54 -20.38
CA ARG A 120 -10.00 19.58 -19.55
C ARG A 120 -8.53 19.35 -19.26
N VAL A 121 -8.09 18.09 -19.21
CA VAL A 121 -6.70 17.76 -18.93
C VAL A 121 -5.95 17.27 -20.16
N GLY A 122 -6.63 17.11 -21.29
CA GLY A 122 -5.99 16.67 -22.51
C GLY A 122 -5.35 15.29 -22.40
N ILE A 123 -6.12 14.31 -21.93
CA ILE A 123 -5.63 12.96 -21.69
C ILE A 123 -6.65 11.96 -22.23
N ASP A 124 -6.14 10.86 -22.77
CA ASP A 124 -6.95 9.73 -23.19
C ASP A 124 -8.01 9.38 -22.14
N VAL A 125 -9.25 9.24 -22.60
CA VAL A 125 -10.36 9.09 -21.66
C VAL A 125 -10.46 7.67 -21.12
N ASN A 126 -9.94 6.68 -21.84
CA ASN A 126 -9.76 5.34 -21.25
C ASN A 126 -8.89 5.42 -20.00
N LEU A 127 -7.70 6.03 -20.14
CA LEU A 127 -6.79 6.15 -19.01
C LEU A 127 -7.45 6.88 -17.85
N ILE A 128 -8.19 7.95 -18.14
CA ILE A 128 -8.90 8.65 -17.09
C ILE A 128 -9.96 7.75 -16.47
N THR A 129 -10.71 7.02 -17.31
CA THR A 129 -11.78 6.17 -16.81
C THR A 129 -11.22 4.99 -16.02
N ARG A 130 -10.22 4.31 -16.56
CA ARG A 130 -9.67 3.14 -15.87
C ARG A 130 -9.05 3.53 -14.54
N LEU A 131 -8.35 4.67 -14.49
CA LEU A 131 -7.74 5.09 -13.24
C LEU A 131 -8.78 5.61 -12.25
N SER A 132 -9.80 6.32 -12.74
CA SER A 132 -10.88 6.76 -11.86
C SER A 132 -11.70 5.59 -11.35
N TRP A 133 -11.85 4.54 -12.16
CA TRP A 133 -12.58 3.35 -11.73
C TRP A 133 -11.97 2.75 -10.48
N VAL A 134 -10.64 2.80 -10.37
CA VAL A 134 -9.96 2.35 -9.16
C VAL A 134 -10.48 3.09 -7.94
N LEU A 135 -10.56 4.43 -8.04
CA LEU A 135 -11.03 5.24 -6.93
C LEU A 135 -12.54 5.16 -6.75
N VAL A 136 -13.28 4.76 -7.78
CA VAL A 136 -14.71 4.49 -7.60
C VAL A 136 -14.91 3.23 -6.78
N ALA A 137 -14.12 2.19 -7.05
CA ALA A 137 -14.27 0.92 -6.34
C ALA A 137 -13.91 1.04 -4.87
N THR A 138 -12.95 1.91 -4.54
CA THR A 138 -12.51 2.08 -3.15
C THR A 138 -13.29 3.17 -2.42
N GLY A 139 -14.20 3.86 -3.10
CA GLY A 139 -15.01 4.88 -2.45
C GLY A 139 -14.40 6.25 -2.40
N VAL A 140 -13.17 6.43 -2.91
CA VAL A 140 -12.58 7.77 -2.96
C VAL A 140 -13.39 8.67 -3.88
N LEU A 141 -13.73 8.18 -5.06
CA LEU A 141 -14.63 8.85 -5.98
C LEU A 141 -15.95 8.10 -6.06
N LYS A 142 -16.97 8.79 -6.53
CA LYS A 142 -18.28 8.19 -6.75
C LYS A 142 -18.65 8.39 -8.22
N GLN A 143 -18.98 7.31 -8.89
CA GLN A 143 -19.43 7.36 -10.27
C GLN A 143 -20.95 7.48 -10.31
N ASP A 144 -21.45 8.29 -11.24
CA ASP A 144 -22.88 8.52 -11.38
C ASP A 144 -23.31 8.04 -12.76
N GLY A 145 -24.22 7.08 -12.80
CA GLY A 145 -24.63 6.53 -14.08
C GLY A 145 -23.51 5.69 -14.69
N SER A 146 -23.34 5.79 -16.02
CA SER A 146 -22.36 5.00 -16.75
C SER A 146 -21.10 5.77 -17.13
N ASP A 147 -21.11 7.09 -16.97
CA ASP A 147 -19.98 7.87 -17.51
C ASP A 147 -19.76 9.21 -16.81
N LYS A 148 -20.35 9.47 -15.65
CA LYS A 148 -20.14 10.73 -14.96
C LYS A 148 -19.51 10.49 -13.60
N ILE A 149 -18.65 11.42 -13.19
CA ILE A 149 -17.84 11.28 -11.99
C ILE A 149 -18.04 12.49 -11.09
N GLN A 150 -17.86 12.30 -9.79
CA GLN A 150 -18.03 13.37 -8.83
C GLN A 150 -17.07 13.17 -7.66
N HIS A 151 -16.81 14.26 -6.95
CA HIS A 151 -15.97 14.21 -5.77
C HIS A 151 -16.75 13.66 -4.58
N THR A 152 -16.02 13.07 -3.64
CA THR A 152 -16.55 12.73 -2.32
C THR A 152 -15.73 13.47 -1.27
N ALA A 153 -16.12 13.28 -0.01
CA ALA A 153 -15.34 13.88 1.08
C ALA A 153 -13.93 13.31 1.15
N ARG A 154 -13.69 12.15 0.54
CA ARG A 154 -12.38 11.53 0.56
C ARG A 154 -11.49 11.95 -0.60
N SER A 155 -12.05 12.55 -1.65
CA SER A 155 -11.28 12.98 -2.80
C SER A 155 -11.01 14.47 -2.85
N ARG A 156 -11.85 15.28 -2.21
CA ARG A 156 -11.60 16.72 -2.16
C ARG A 156 -10.27 17.09 -1.49
N PRO A 157 -9.76 16.38 -0.48
CA PRO A 157 -8.41 16.68 0.01
C PRO A 157 -7.33 16.63 -1.06
N TYR A 158 -7.60 16.03 -2.22
CA TYR A 158 -6.63 15.96 -3.30
C TYR A 158 -7.02 16.85 -4.49
N ALA A 159 -8.02 17.71 -4.31
CA ALA A 159 -8.49 18.60 -5.37
C ALA A 159 -7.60 19.82 -5.55
N SER A 160 -6.42 19.84 -4.96
CA SER A 160 -5.49 20.96 -5.05
C SER A 160 -4.14 20.50 -4.52
N ARG A 161 -3.11 21.28 -4.84
CA ARG A 161 -1.83 21.10 -4.19
C ARG A 161 -1.91 21.77 -2.82
N ASN A 162 -1.91 20.96 -1.76
CA ASN A 162 -2.08 21.46 -0.41
C ASN A 162 -1.17 20.68 0.52
N PRO A 163 -1.10 21.04 1.81
CA PRO A 163 -0.27 20.26 2.74
C PRO A 163 -0.46 18.74 2.67
N LEU A 164 -1.71 18.26 2.61
CA LEU A 164 -1.92 16.82 2.63
C LEU A 164 -1.60 16.20 1.28
N SER A 165 -2.01 16.83 0.19
CA SER A 165 -1.69 16.29 -1.13
C SER A 165 -0.19 16.30 -1.37
N ALA A 166 0.54 17.21 -0.73
CA ALA A 166 1.99 17.20 -0.82
C ALA A 166 2.58 15.96 -0.16
N MSE A 167 1.99 15.53 0.96
CA MSE A 167 2.47 14.35 1.68
C MSE A 167 2.33 13.08 0.85
O MSE A 167 3.21 12.22 0.87
CB MSE A 167 1.70 14.19 3.00
CG MSE A 167 2.05 15.24 4.05
SE MSE A 167 1.91 14.53 5.85
CE MSE A 167 0.08 15.03 6.23
N MSE A 168 1.23 12.97 0.12
CA MSE A 168 1.02 11.85 -0.79
C MSE A 168 2.04 11.91 -1.92
O MSE A 168 2.58 10.89 -2.35
CB MSE A 168 -0.41 11.86 -1.34
CG MSE A 168 -0.61 11.02 -2.59
SE MSE A 168 -0.07 9.16 -2.35
CE MSE A 168 -1.72 8.42 -1.65
N ILE A 169 2.31 13.14 -2.40
CA ILE A 169 3.25 13.32 -3.50
C ILE A 169 4.65 12.87 -3.09
N ILE A 170 5.14 13.38 -1.95
CA ILE A 170 6.50 13.02 -1.53
C ILE A 170 6.53 11.59 -0.98
N GLY A 171 5.41 11.10 -0.46
CA GLY A 171 5.35 9.70 -0.06
C GLY A 171 5.59 8.78 -1.24
N PHE A 172 4.87 9.02 -2.34
CA PHE A 172 5.03 8.22 -3.54
C PHE A 172 6.40 8.44 -4.19
N ASP A 173 6.83 9.70 -4.28
CA ASP A 173 8.02 10.02 -5.06
C ASP A 173 9.31 9.77 -4.28
N GLU A 174 9.32 10.07 -2.98
CA GLU A 174 10.58 10.14 -2.24
C GLU A 174 10.80 9.00 -1.26
N TYR A 175 9.79 8.22 -0.92
CA TYR A 175 9.96 7.19 0.10
C TYR A 175 9.60 5.79 -0.38
N LEU A 176 8.60 5.65 -1.25
CA LEU A 176 8.27 4.33 -1.78
C LEU A 176 9.43 3.70 -2.56
N PRO A 177 10.14 4.41 -3.45
CA PRO A 177 11.28 3.77 -4.12
C PRO A 177 12.34 3.28 -3.16
N ALA A 178 12.50 3.93 -2.01
CA ALA A 178 13.45 3.47 -1.01
C ALA A 178 12.98 2.18 -0.34
N LEU A 179 11.67 2.04 -0.13
CA LEU A 179 11.14 0.79 0.40
C LEU A 179 11.45 -0.36 -0.54
N LEU A 180 11.28 -0.14 -1.86
CA LEU A 180 11.56 -1.19 -2.82
C LEU A 180 13.03 -1.57 -2.83
N ALA A 181 13.91 -0.59 -2.67
CA ALA A 181 15.35 -0.82 -2.73
C ALA A 181 15.91 -1.50 -1.49
N MSE A 182 15.08 -1.79 -0.49
CA MSE A 182 15.60 -2.26 0.79
C MSE A 182 16.23 -3.67 0.74
O MSE A 182 17.29 -3.87 1.33
CB MSE A 182 14.50 -2.20 1.85
CG MSE A 182 14.75 -1.06 2.83
SE MSE A 182 13.68 -0.95 4.47
CE MSE A 182 11.99 -0.38 3.77
N PRO A 183 15.62 -4.64 0.05
CA PRO A 183 16.30 -5.95 -0.12
C PRO A 183 17.69 -5.82 -0.73
N GLY A 184 17.82 -5.05 -1.80
CA GLY A 184 19.13 -4.82 -2.39
C GLY A 184 20.03 -3.98 -1.50
N TYR A 185 19.45 -3.02 -0.76
CA TYR A 185 20.25 -2.17 0.10
C TYR A 185 20.90 -2.96 1.22
N PHE A 186 20.11 -3.80 1.91
CA PHE A 186 20.65 -4.57 3.02
C PHE A 186 21.62 -5.63 2.55
N ASP A 187 21.47 -6.12 1.32
CA ASP A 187 22.49 -6.98 0.74
C ASP A 187 23.79 -6.22 0.52
N THR A 188 23.70 -4.95 0.13
CA THR A 188 24.89 -4.17 -0.18
C THR A 188 25.60 -3.70 1.08
N TYR A 189 24.86 -3.13 2.03
CA TYR A 189 25.45 -2.50 3.20
C TYR A 189 25.34 -3.33 4.47
N GLY A 190 24.68 -4.48 4.42
CA GLY A 190 24.57 -5.30 5.60
C GLY A 190 23.21 -5.16 6.26
N LYS A 191 22.74 -6.26 6.85
CA LYS A 191 21.41 -6.30 7.47
C LYS A 191 21.48 -5.71 8.88
N LYS A 192 21.65 -4.39 8.91
CA LYS A 192 21.74 -3.65 10.15
C LYS A 192 20.87 -2.39 10.03
N GLU A 193 20.60 -1.78 11.18
CA GLU A 193 19.86 -0.53 11.22
C GLU A 193 20.59 0.53 10.40
N PRO A 194 19.96 1.12 9.38
CA PRO A 194 20.63 2.16 8.60
C PRO A 194 20.70 3.46 9.38
N PHE A 195 21.92 3.97 9.56
CA PHE A 195 22.14 5.23 10.26
C PHE A 195 23.17 6.05 9.50
N GLY A 196 23.12 7.36 9.70
CA GLY A 196 24.06 8.26 9.06
C GLY A 196 23.46 8.95 7.84
N GLU A 197 24.06 10.10 7.50
CA GLU A 197 23.53 10.93 6.43
C GLU A 197 23.90 10.40 5.04
N LYS A 198 25.02 9.71 4.92
CA LYS A 198 25.42 9.12 3.65
C LYS A 198 25.12 7.62 3.63
N HIS A 199 24.98 7.10 2.41
CA HIS A 199 24.60 5.70 2.18
C HIS A 199 23.22 5.40 2.76
N THR A 200 22.32 6.37 2.71
CA THR A 200 20.94 6.12 3.09
C THR A 200 20.24 5.28 2.03
N VAL A 201 19.17 4.60 2.44
CA VAL A 201 18.40 3.81 1.49
C VAL A 201 17.82 4.69 0.40
N LYS A 202 17.42 5.93 0.77
CA LYS A 202 16.91 6.87 -0.22
C LYS A 202 17.95 7.20 -1.27
N ALA A 203 19.16 7.52 -0.84
CA ALA A 203 20.22 7.84 -1.81
C ALA A 203 20.61 6.62 -2.63
N PHE A 204 20.64 5.45 -1.99
CA PHE A 204 20.91 4.22 -2.72
C PHE A 204 19.83 3.97 -3.77
N SER A 205 18.57 4.27 -3.44
CA SER A 205 17.49 4.07 -4.39
C SER A 205 17.57 5.06 -5.55
N GLU A 206 18.12 6.25 -5.31
CA GLU A 206 18.32 7.23 -6.36
C GLU A 206 19.50 6.90 -7.26
N GLY A 207 20.33 5.94 -6.88
CA GLY A 207 21.54 5.62 -7.62
C GLY A 207 22.76 6.42 -7.23
N ASN A 208 22.67 7.26 -6.22
CA ASN A 208 23.79 8.08 -5.75
C ASN A 208 23.93 7.92 -4.24
N PRO A 209 24.42 6.77 -3.78
CA PRO A 209 24.53 6.56 -2.33
C PRO A 209 25.55 7.46 -1.66
N GLU A 210 26.47 8.06 -2.41
CA GLU A 210 27.44 8.97 -1.84
C GLU A 210 26.86 10.36 -1.60
N LEU A 211 25.63 10.62 -2.05
CA LEU A 211 24.99 11.91 -1.84
C LEU A 211 24.04 11.82 -0.65
N THR A 212 23.96 12.90 0.11
CA THR A 212 23.00 12.99 1.18
C THR A 212 21.61 13.28 0.61
N VAL A 213 20.59 13.14 1.45
CA VAL A 213 19.22 13.40 1.01
C VAL A 213 19.06 14.87 0.62
N ASN A 214 19.69 15.77 1.38
CA ASN A 214 19.59 17.19 1.07
C ASN A 214 20.26 17.55 -0.25
N GLN A 215 21.36 16.88 -0.59
CA GLN A 215 22.03 17.14 -1.85
C GLN A 215 21.16 16.72 -3.03
N ILE A 216 20.46 15.60 -2.91
CA ILE A 216 19.58 15.14 -3.97
C ILE A 216 18.40 16.09 -4.13
N LEU A 217 17.83 16.54 -3.01
CA LEU A 217 16.66 17.42 -3.06
C LEU A 217 17.01 18.82 -3.52
N ALA A 218 18.22 19.30 -3.19
CA ALA A 218 18.63 20.63 -3.63
C ALA A 218 18.79 20.72 -5.14
N SER A 219 18.88 19.59 -5.82
CA SER A 219 19.00 19.55 -7.28
C SER A 219 17.65 19.76 -7.97
N SER A 220 16.56 19.84 -7.23
CA SER A 220 15.23 20.01 -7.83
C SER A 220 14.36 20.91 -6.95
N PRO A 221 14.10 22.14 -7.40
CA PRO A 221 13.27 23.04 -6.59
C PRO A 221 11.83 22.57 -6.42
N GLU A 222 11.29 21.84 -7.39
CA GLU A 222 9.93 21.34 -7.27
C GLU A 222 9.85 20.25 -6.20
N ARG A 223 10.76 19.27 -6.26
CA ARG A 223 10.78 18.21 -5.25
C ARG A 223 11.02 18.78 -3.86
N LEU A 224 11.93 19.75 -3.76
CA LEU A 224 12.16 20.42 -2.48
C LEU A 224 10.89 21.12 -2.01
N GLY A 225 10.23 21.85 -2.92
CA GLY A 225 9.06 22.62 -2.53
C GLY A 225 7.93 21.76 -2.01
N ASN A 226 7.71 20.60 -2.64
CA ASN A 226 6.66 19.70 -2.16
C ASN A 226 7.00 19.13 -0.80
N MSE A 227 8.27 18.85 -0.55
CA MSE A 227 8.69 18.32 0.75
C MSE A 227 8.55 19.38 1.84
O MSE A 227 8.11 19.09 2.94
CB MSE A 227 10.13 17.79 0.68
CG MSE A 227 10.48 16.86 1.83
SE MSE A 227 9.85 15.05 1.54
CE MSE A 227 11.52 14.12 1.18
N THR A 228 8.93 20.62 1.50
CA THR A 228 8.76 21.72 2.45
C THR A 228 7.30 21.86 2.87
N LEU A 229 6.39 21.86 1.90
CA LEU A 229 4.97 21.96 2.22
C LEU A 229 4.48 20.73 2.98
N ALA A 230 4.98 19.55 2.61
CA ALA A 230 4.53 18.33 3.27
C ALA A 230 5.01 18.26 4.72
N MSE A 231 6.27 18.64 4.96
CA MSE A 231 6.82 18.64 6.31
C MSE A 231 6.14 19.68 7.18
O MSE A 231 5.89 19.44 8.36
CB MSE A 231 8.33 18.88 6.29
CG MSE A 231 9.12 17.79 5.57
SE MSE A 231 9.84 16.46 6.79
CE MSE A 231 8.70 14.95 6.30
N ALA A 232 5.84 20.85 6.60
CA ALA A 232 5.11 21.87 7.32
C ALA A 232 3.71 21.41 7.73
N ALA A 233 3.19 20.38 7.08
CA ALA A 233 1.88 19.84 7.43
C ALA A 233 1.91 19.03 8.71
N MSE A 234 3.10 18.59 9.15
CA MSE A 234 3.19 17.69 10.28
C MSE A 234 3.77 18.37 11.51
O MSE A 234 3.48 17.98 12.64
CB MSE A 234 4.02 16.46 9.91
CG MSE A 234 3.28 15.53 8.97
SE MSE A 234 4.03 13.75 8.81
CE MSE A 234 5.59 14.16 7.75
N GLU A 235 4.59 19.40 11.29
CA GLU A 235 5.04 20.24 12.39
C GLU A 235 3.87 20.90 13.12
N ASN A 236 2.74 21.03 12.44
CA ASN A 236 1.56 21.73 12.95
C ASN A 236 0.62 20.84 13.75
N MSE A 237 0.94 19.56 13.89
CA MSE A 237 -0.02 18.59 14.43
C MSE A 237 -0.33 18.73 15.92
O MSE A 237 -1.48 18.89 16.31
CB MSE A 237 0.47 17.17 14.15
CG MSE A 237 0.19 16.72 12.73
SE MSE A 237 1.04 15.01 12.35
CE MSE A 237 0.34 14.75 10.56
N TYR A 238 0.70 18.63 16.76
CA TYR A 238 0.51 18.60 18.22
C TYR A 238 1.16 19.82 18.86
N PRO A 239 0.38 20.86 19.15
CA PRO A 239 0.97 22.10 19.68
C PRO A 239 1.49 21.92 21.09
N LEU A 240 2.60 22.61 21.39
CA LEU A 240 3.17 22.58 22.72
C LEU A 240 2.44 23.52 23.66
N SER A 241 2.05 24.70 23.18
CA SER A 241 1.33 25.66 24.00
C SER A 241 -0.08 25.13 24.31
N GLY A 242 -0.45 25.18 25.58
CA GLY A 242 -1.73 24.68 26.03
C GLY A 242 -1.69 23.30 26.65
N VAL A 243 -0.67 22.49 26.32
CA VAL A 243 -0.53 21.16 26.88
C VAL A 243 0.62 21.07 27.87
N TYR A 244 1.50 22.06 27.93
CA TYR A 244 2.57 22.12 28.92
C TYR A 244 2.39 23.39 29.74
N ASP A 245 2.49 23.25 31.07
CA ASP A 245 2.24 24.36 31.99
C ASP A 245 3.52 25.17 32.14
N PHE A 246 3.55 26.36 31.53
CA PHE A 246 4.71 27.24 31.58
C PHE A 246 4.68 28.22 32.75
N SER A 247 3.72 28.07 33.67
CA SER A 247 3.55 29.04 34.75
C SER A 247 4.79 29.14 35.62
N TRP A 248 5.54 28.05 35.78
CA TRP A 248 6.75 28.11 36.59
C TRP A 248 7.85 28.88 35.88
N VAL A 249 7.84 28.90 34.54
CA VAL A 249 8.82 29.69 33.81
C VAL A 249 8.55 31.18 34.01
N ALA A 250 7.28 31.56 34.17
CA ALA A 250 6.95 32.95 34.45
C ALA A 250 7.63 33.44 35.72
N ALA A 251 7.72 32.59 36.74
CA ALA A 251 8.42 32.95 37.96
C ALA A 251 9.90 33.15 37.70
N LYS A 252 10.50 32.31 36.86
CA LYS A 252 11.92 32.45 36.54
C LYS A 252 12.18 33.73 35.76
N ALA A 253 11.25 34.11 34.87
CA ALA A 253 11.44 35.32 34.09
C ALA A 253 11.46 36.57 34.96
N ALA A 254 10.74 36.54 36.08
CA ALA A 254 10.68 37.71 36.96
C ALA A 254 11.91 37.81 37.85
N SER A 255 12.42 36.68 38.35
CA SER A 255 13.58 36.70 39.23
C SER A 255 14.82 37.18 38.49
N ASP A 256 15.07 36.65 37.30
CA ASP A 256 16.19 37.04 36.46
C ASP A 256 15.64 37.72 35.22
N SER A 257 15.77 39.05 35.16
CA SER A 257 15.26 39.81 34.02
C SER A 257 16.08 39.60 32.75
N ASN A 258 17.24 38.95 32.84
CA ASN A 258 18.15 38.88 31.70
C ASN A 258 18.47 37.48 31.24
N ARG A 259 18.10 36.43 31.96
CA ARG A 259 18.41 35.09 31.50
C ARG A 259 17.50 34.72 30.35
N PRO A 260 18.01 34.00 29.34
CA PRO A 260 17.14 33.56 28.24
C PRO A 260 16.09 32.58 28.74
N LEU A 261 14.92 32.63 28.12
CA LEU A 261 13.76 31.89 28.62
C LEU A 261 13.58 30.56 27.91
N ILE A 262 13.11 30.61 26.66
CA ILE A 262 12.85 29.40 25.87
C ILE A 262 13.82 29.38 24.70
N VAL A 263 14.48 28.23 24.49
CA VAL A 263 15.37 28.04 23.35
C VAL A 263 14.82 26.89 22.52
N ASP A 264 14.42 27.18 21.30
CA ASP A 264 13.82 26.20 20.39
C ASP A 264 14.94 25.69 19.47
N VAL A 265 15.49 24.52 19.80
CA VAL A 265 16.60 23.95 19.06
C VAL A 265 16.06 23.27 17.82
N GLY A 266 16.41 23.81 16.64
CA GLY A 266 15.85 23.31 15.40
C GLY A 266 14.41 23.69 15.18
N GLY A 267 14.01 24.89 15.63
CA GLY A 267 12.62 25.28 15.61
C GLY A 267 12.08 25.68 14.26
N ALA A 268 12.92 25.67 13.22
CA ALA A 268 12.49 25.85 11.84
C ALA A 268 11.83 27.20 11.60
N LYS A 269 10.60 27.38 12.09
CA LYS A 269 9.78 28.53 11.75
C LYS A 269 9.83 29.65 12.79
N GLY A 270 9.89 29.31 14.06
CA GLY A 270 9.55 30.24 15.11
C GLY A 270 8.08 30.20 15.48
N HIS A 271 7.28 29.39 14.79
CA HIS A 271 5.86 29.27 15.08
C HIS A 271 5.61 28.89 16.53
N THR A 272 6.38 27.93 17.05
CA THR A 272 6.15 27.44 18.41
C THR A 272 6.47 28.52 19.45
N LEU A 273 7.53 29.30 19.22
CA LEU A 273 7.88 30.36 20.16
C LEU A 273 6.79 31.44 20.21
N GLN A 274 6.25 31.80 19.04
CA GLN A 274 5.17 32.79 19.01
C GLN A 274 3.95 32.30 19.79
N ALA A 275 3.61 31.01 19.64
CA ALA A 275 2.45 30.47 20.35
C ALA A 275 2.66 30.46 21.86
N ILE A 276 3.86 30.07 22.30
CA ILE A 276 4.12 29.97 23.73
C ILE A 276 4.07 31.34 24.39
N CYS A 277 4.72 32.34 23.77
CA CYS A 277 4.76 33.66 24.35
C CYS A 277 3.44 34.41 24.20
N LYS A 278 2.61 34.03 23.23
CA LYS A 278 1.28 34.63 23.12
C LYS A 278 0.37 34.15 24.24
N ASP A 279 0.40 32.85 24.55
CA ASP A 279 -0.45 32.29 25.59
C ASP A 279 0.08 32.60 26.99
N THR A 280 1.39 32.77 27.14
CA THR A 280 2.01 33.13 28.41
C THR A 280 2.79 34.42 28.20
N PRO A 281 2.09 35.57 28.20
CA PRO A 281 2.78 36.85 27.94
C PRO A 281 3.84 37.21 28.96
N ALA A 282 3.89 36.53 30.11
CA ALA A 282 4.98 36.75 31.05
C ALA A 282 6.34 36.44 30.45
N LEU A 283 6.38 35.65 29.37
CA LEU A 283 7.61 35.35 28.66
C LEU A 283 7.69 36.23 27.42
N PRO A 284 8.51 37.28 27.42
CA PRO A 284 8.66 38.10 26.22
C PRO A 284 9.35 37.31 25.11
N ILE A 285 8.82 37.42 23.90
CA ILE A 285 9.35 36.66 22.78
C ILE A 285 10.81 37.02 22.50
N GLU A 286 11.18 38.28 22.75
CA GLU A 286 12.55 38.71 22.51
C GLU A 286 13.54 38.17 23.54
N ARG A 287 13.06 37.52 24.60
CA ARG A 287 13.92 36.82 25.54
C ARG A 287 14.08 35.34 25.20
N CYS A 288 13.54 34.91 24.06
CA CYS A 288 13.64 33.54 23.61
C CYS A 288 14.51 33.46 22.35
N VAL A 289 15.07 32.28 22.13
CA VAL A 289 16.08 32.07 21.09
C VAL A 289 15.57 31.01 20.13
N LEU A 290 15.50 31.37 18.85
CA LEU A 290 15.17 30.42 17.78
C LEU A 290 16.47 30.00 17.10
N GLU A 291 16.75 28.69 17.12
CA GLU A 291 18.00 28.16 16.62
C GLU A 291 17.73 27.15 15.50
N ASP A 292 18.44 27.30 14.39
CA ASP A 292 18.34 26.36 13.27
C ASP A 292 19.55 26.59 12.38
N LEU A 293 19.58 25.86 11.26
CA LEU A 293 20.67 26.02 10.31
C LEU A 293 20.69 27.44 9.76
N PRO A 294 21.88 27.95 9.40
CA PRO A 294 21.94 29.31 8.84
C PRO A 294 21.06 29.51 7.62
N ARG A 295 20.95 28.49 6.76
CA ARG A 295 20.08 28.61 5.59
C ARG A 295 18.61 28.66 5.98
N VAL A 296 18.24 28.01 7.08
CA VAL A 296 16.86 28.07 7.56
C VAL A 296 16.60 29.40 8.25
N ILE A 297 17.57 29.88 9.04
CA ILE A 297 17.42 31.18 9.71
C ILE A 297 17.34 32.30 8.69
N GLN A 298 18.08 32.17 7.57
CA GLN A 298 18.03 33.20 6.53
C GLN A 298 16.62 33.35 5.97
N VAL A 299 15.89 32.24 5.84
CA VAL A 299 14.52 32.32 5.35
C VAL A 299 13.63 33.02 6.36
N VAL A 300 13.84 32.76 7.66
CA VAL A 300 13.01 33.36 8.69
C VAL A 300 13.15 34.88 8.68
N LYS A 301 14.39 35.38 8.70
CA LYS A 301 14.60 36.82 8.68
C LYS A 301 14.26 37.44 7.33
N ASP A 302 14.22 36.63 6.27
CA ASP A 302 13.86 37.15 4.95
C ASP A 302 12.37 37.49 4.87
N THR A 303 11.52 36.70 5.54
CA THR A 303 10.08 36.84 5.42
C THR A 303 9.43 37.47 6.64
N SER A 304 10.20 37.77 7.68
CA SER A 304 9.64 38.28 8.93
C SER A 304 9.45 39.79 8.88
N ASP A 305 8.50 40.27 9.67
CA ASP A 305 8.25 41.70 9.81
C ASP A 305 9.37 42.29 10.67
N ALA A 306 10.20 43.14 10.07
CA ALA A 306 11.34 43.71 10.80
C ALA A 306 10.89 44.62 11.92
N GLY A 307 9.72 45.24 11.79
CA GLY A 307 9.22 46.15 12.80
C GLY A 307 8.44 45.52 13.94
N ALA A 308 8.37 44.19 13.99
CA ALA A 308 7.63 43.50 15.04
C ALA A 308 8.58 42.81 16.00
N GLN A 309 8.09 42.56 17.21
CA GLN A 309 8.89 41.86 18.22
C GLN A 309 9.16 40.43 17.77
N ALA A 310 10.42 40.03 17.85
CA ALA A 310 10.86 38.74 17.33
C ALA A 310 11.88 38.13 18.28
N PRO A 311 11.94 36.81 18.34
CA PRO A 311 12.97 36.15 19.16
C PRO A 311 14.34 36.31 18.51
N GLN A 312 15.37 36.03 19.32
CA GLN A 312 16.72 36.02 18.79
C GLN A 312 16.87 34.90 17.77
N LEU A 313 17.41 35.24 16.60
CA LEU A 313 17.66 34.28 15.54
C LEU A 313 19.14 33.91 15.56
N LEU A 314 19.41 32.60 15.68
CA LEU A 314 20.78 32.12 15.86
C LEU A 314 21.02 30.95 14.93
N GLY A 315 21.97 31.11 14.00
CA GLY A 315 22.40 30.02 13.16
C GLY A 315 23.38 29.11 13.89
N MSE A 316 23.02 27.84 14.01
CA MSE A 316 23.85 26.89 14.76
C MSE A 316 23.96 25.54 14.07
O MSE A 316 23.57 25.39 12.91
CB MSE A 316 23.26 26.71 16.17
CG MSE A 316 21.75 26.49 16.21
SE MSE A 316 21.10 24.85 15.39
CE MSE A 316 21.30 23.68 16.93
N ASP A 317 24.51 24.57 14.79
CA ASP A 317 24.61 23.19 14.31
C ASP A 317 24.39 22.24 15.48
N PHE A 318 23.76 21.11 15.21
CA PHE A 318 23.45 20.15 16.26
C PHE A 318 24.72 19.60 16.91
N ASN A 319 25.77 19.38 16.10
CA ASN A 319 26.95 18.68 16.60
C ASN A 319 27.82 19.54 17.50
N GLN A 320 27.65 20.86 17.47
CA GLN A 320 28.48 21.73 18.29
C GLN A 320 27.74 22.13 19.56
N GLU A 321 28.49 22.77 20.46
CA GLU A 321 27.96 23.22 21.74
C GLU A 321 26.69 24.04 21.55
N GLN A 322 25.82 23.99 22.54
CA GLN A 322 24.67 24.87 22.61
C GLN A 322 25.15 26.26 22.99
N PRO A 323 24.95 27.27 22.14
CA PRO A 323 25.49 28.60 22.46
C PRO A 323 24.77 29.29 23.60
N VAL A 324 23.48 29.06 23.77
CA VAL A 324 22.69 29.74 24.80
C VAL A 324 22.85 28.99 26.12
N LYS A 325 23.48 29.63 27.09
CA LYS A 325 23.79 29.01 28.37
C LYS A 325 22.75 29.39 29.42
N GLY A 326 22.38 28.43 30.26
CA GLY A 326 21.55 28.71 31.42
C GLY A 326 20.12 29.10 31.12
N ALA A 327 19.60 28.78 29.94
CA ALA A 327 18.21 29.09 29.63
C ALA A 327 17.27 28.26 30.50
N VAL A 328 16.04 28.76 30.64
CA VAL A 328 15.06 28.06 31.48
C VAL A 328 14.57 26.79 30.81
N VAL A 329 14.17 26.89 29.55
CA VAL A 329 13.59 25.77 28.82
C VAL A 329 14.28 25.64 27.47
N TYR A 330 14.71 24.43 27.13
CA TYR A 330 15.20 24.09 25.81
C TYR A 330 14.21 23.15 25.14
N LEU A 331 13.88 23.43 23.89
CA LEU A 331 13.00 22.57 23.10
C LEU A 331 13.79 21.95 21.96
N ILE A 332 13.63 20.64 21.76
CA ILE A 332 14.14 19.98 20.57
C ILE A 332 13.04 19.05 20.06
N ARG A 333 12.30 19.50 19.05
N ARG A 333 12.31 19.51 19.04
CA ARG A 333 11.11 18.81 18.58
CA ARG A 333 11.11 18.85 18.56
C ARG A 333 11.34 18.24 17.19
C ARG A 333 11.35 18.23 17.19
N ARG A 334 10.99 16.96 17.02
N ARG A 334 11.01 16.96 17.04
CA ARG A 334 11.05 16.27 15.73
CA ARG A 334 11.04 16.25 15.76
C ARG A 334 12.45 16.33 15.12
C ARG A 334 12.44 16.29 15.14
N CYS A 335 13.47 16.20 15.97
CA CYS A 335 14.85 16.19 15.51
C CYS A 335 15.58 14.91 15.87
N LEU A 336 15.47 14.44 17.12
CA LEU A 336 16.22 13.27 17.55
C LEU A 336 15.87 12.04 16.74
N HIS A 337 14.66 11.96 16.20
CA HIS A 337 14.26 10.78 15.44
C HIS A 337 14.97 10.66 14.11
N ASP A 338 15.74 11.67 13.70
CA ASP A 338 16.50 11.62 12.45
C ASP A 338 17.86 10.96 12.61
N TYR A 339 18.27 10.60 13.82
CA TYR A 339 19.64 10.19 14.08
C TYR A 339 19.67 8.94 14.94
N SER A 340 20.86 8.31 14.98
CA SER A 340 21.07 7.14 15.80
C SER A 340 21.20 7.51 17.27
N ASP A 341 21.22 6.49 18.13
CA ASP A 341 21.38 6.72 19.56
C ASP A 341 22.67 7.48 19.86
N GLU A 342 23.75 7.12 19.17
CA GLU A 342 25.05 7.73 19.44
C GLU A 342 25.05 9.21 19.08
N GLN A 343 24.47 9.56 17.93
CA GLN A 343 24.32 10.97 17.58
C GLN A 343 23.42 11.69 18.57
N CYS A 344 22.33 11.03 18.99
CA CYS A 344 21.41 11.64 19.94
C CYS A 344 22.10 11.95 21.27
N VAL A 345 23.04 11.10 21.69
CA VAL A 345 23.76 11.34 22.93
C VAL A 345 24.64 12.57 22.81
N ARG A 346 25.27 12.77 21.64
CA ARG A 346 26.05 13.97 21.41
C ARG A 346 25.18 15.22 21.46
N ILE A 347 24.04 15.18 20.75
CA ILE A 347 23.14 16.33 20.69
C ILE A 347 22.63 16.66 22.10
N LEU A 348 22.10 15.66 22.80
CA LEU A 348 21.60 15.90 24.14
C LEU A 348 22.72 16.28 25.11
N GLY A 349 23.93 15.76 24.88
CA GLY A 349 25.04 16.10 25.74
C GLY A 349 25.45 17.56 25.65
N HIS A 350 25.32 18.16 24.47
CA HIS A 350 25.58 19.59 24.34
C HIS A 350 24.54 20.41 25.09
N LEU A 351 23.27 20.01 25.00
CA LEU A 351 22.23 20.70 25.74
C LEU A 351 22.47 20.60 27.25
N ALA A 352 22.71 19.38 27.74
CA ALA A 352 22.96 19.19 29.16
C ALA A 352 24.11 20.03 29.66
N ALA A 353 25.15 20.18 28.84
CA ALA A 353 26.30 21.00 29.22
C ALA A 353 25.90 22.46 29.41
N ALA A 354 25.10 22.99 28.49
CA ALA A 354 24.70 24.39 28.55
C ALA A 354 23.58 24.65 29.56
N MSE A 355 22.84 23.62 29.95
CA MSE A 355 21.72 23.79 30.87
C MSE A 355 22.16 24.11 32.30
O MSE A 355 23.21 23.67 32.75
CB MSE A 355 20.82 22.55 30.87
CG MSE A 355 19.89 22.40 29.68
SE MSE A 355 19.59 20.57 29.10
CE MSE A 355 18.34 19.96 30.45
N ALA A 356 21.32 24.86 33.00
CA ALA A 356 21.52 25.14 34.42
C ALA A 356 20.85 24.05 35.25
N ALA A 357 21.04 24.13 36.56
CA ALA A 357 20.45 23.14 37.45
C ALA A 357 18.93 23.15 37.37
N ASP A 358 18.32 24.32 37.22
CA ASP A 358 16.88 24.45 37.13
C ASP A 358 16.36 24.40 35.69
N SER A 359 17.22 24.15 34.72
CA SER A 359 16.79 24.08 33.33
C SER A 359 15.97 22.81 33.08
N VAL A 360 15.10 22.88 32.08
CA VAL A 360 14.28 21.76 31.66
C VAL A 360 14.40 21.61 30.16
N LEU A 361 14.56 20.37 29.69
CA LEU A 361 14.61 20.05 28.27
C LEU A 361 13.34 19.31 27.88
N LEU A 362 12.68 19.78 26.82
CA LEU A 362 11.46 19.17 26.32
C LEU A 362 11.78 18.50 24.98
N ILE A 363 11.78 17.17 24.97
CA ILE A 363 11.97 16.40 23.75
C ILE A 363 10.60 16.14 23.14
N GLY A 364 10.37 16.69 21.95
CA GLY A 364 9.11 16.48 21.27
C GLY A 364 9.22 15.41 20.19
N GLU A 365 8.79 14.20 20.51
CA GLU A 365 8.88 13.10 19.56
C GLU A 365 7.72 12.14 19.79
N THR A 366 7.47 11.33 18.77
CA THR A 366 6.65 10.14 18.96
C THR A 366 7.31 9.23 19.98
N VAL A 367 6.53 8.74 20.93
CA VAL A 367 7.00 7.76 21.91
C VAL A 367 6.31 6.44 21.59
N LEU A 368 7.06 5.50 21.03
CA LEU A 368 6.50 4.21 20.65
C LEU A 368 6.06 3.44 21.89
N THR A 369 4.86 2.88 21.83
CA THR A 369 4.50 1.83 22.77
C THR A 369 5.15 0.52 22.32
N ASN A 370 5.14 -0.45 23.22
CA ASN A 370 5.62 -1.80 22.90
C ASN A 370 4.49 -2.78 23.07
N PRO A 371 3.89 -3.30 21.98
CA PRO A 371 4.24 -2.99 20.59
C PRO A 371 3.62 -1.67 20.10
N PRO A 372 4.22 -1.09 19.06
CA PRO A 372 3.75 0.21 18.58
C PRO A 372 2.52 0.11 17.69
N SER A 373 1.82 1.23 17.58
CA SER A 373 0.63 1.31 16.75
C SER A 373 1.00 1.25 15.27
N ARG A 374 -0.04 1.16 14.43
CA ARG A 374 0.18 1.10 12.99
C ARG A 374 0.81 2.37 12.44
N PRO A 375 0.29 3.58 12.68
CA PRO A 375 0.90 4.77 12.06
C PRO A 375 2.31 5.06 12.53
N THR A 376 2.65 4.71 13.78
CA THR A 376 3.99 4.97 14.27
C THR A 376 4.99 3.91 13.81
N ALA A 377 4.55 2.66 13.67
CA ALA A 377 5.40 1.63 13.10
C ALA A 377 5.70 1.92 11.63
N MSE A 378 4.69 2.39 10.91
CA MSE A 378 4.86 2.75 9.50
C MSE A 378 5.88 3.88 9.37
O MSE A 378 6.76 3.83 8.50
CB MSE A 378 3.51 3.15 8.90
CG MSE A 378 3.57 3.82 7.53
SE MSE A 378 3.77 5.75 7.64
CE MSE A 378 1.93 6.26 7.33
N MSE A 379 5.76 4.89 10.23
CA MSE A 379 6.69 6.02 10.24
C MSE A 379 8.10 5.58 10.59
O MSE A 379 9.07 6.13 10.06
CB MSE A 379 6.20 7.07 11.24
CG MSE A 379 6.96 8.39 11.22
SE MSE A 379 7.32 9.09 9.43
CE MSE A 379 5.56 9.81 9.02
N ASP A 380 8.22 4.57 11.46
CA ASP A 380 9.54 4.10 11.89
C ASP A 380 10.33 3.52 10.72
N ILE A 381 9.67 2.78 9.85
CA ILE A 381 10.38 2.20 8.71
C ILE A 381 10.66 3.24 7.64
N LEU A 382 9.74 4.19 7.45
CA LEU A 382 10.00 5.30 6.54
C LEU A 382 11.22 6.09 6.99
N LEU A 383 11.35 6.31 8.30
CA LEU A 383 12.53 7.00 8.81
C LEU A 383 13.81 6.21 8.58
N ALA A 384 13.71 4.88 8.50
CA ALA A 384 14.88 4.06 8.25
C ALA A 384 15.50 4.34 6.88
N THR A 385 14.67 4.76 5.92
CA THR A 385 15.19 5.03 4.58
C THR A 385 16.09 6.25 4.53
N ILE A 386 16.06 7.09 5.56
CA ILE A 386 16.88 8.30 5.62
C ILE A 386 17.80 8.31 6.84
N GLY A 387 17.88 7.20 7.57
CA GLY A 387 18.80 7.10 8.68
C GLY A 387 18.23 7.45 10.04
N GLY A 388 16.91 7.47 10.18
CA GLY A 388 16.26 7.76 11.44
C GLY A 388 15.53 6.56 11.99
N LYS A 389 14.80 6.81 13.08
CA LYS A 389 14.01 5.78 13.74
C LYS A 389 13.13 6.43 14.80
N GLU A 390 12.04 5.74 15.12
CA GLU A 390 11.24 6.08 16.29
C GLU A 390 11.70 5.24 17.48
N ARG A 391 11.38 5.71 18.69
CA ARG A 391 11.90 5.11 19.90
C ARG A 391 10.79 4.94 20.93
N THR A 392 10.90 3.86 21.70
CA THR A 392 10.08 3.71 22.90
C THR A 392 10.63 4.60 24.01
N ILE A 393 9.89 4.66 25.12
CA ILE A 393 10.37 5.44 26.25
C ILE A 393 11.63 4.82 26.83
N ASP A 394 11.78 3.50 26.70
CA ASP A 394 13.00 2.83 27.18
C ASP A 394 14.22 3.30 26.39
N ALA A 395 14.09 3.34 25.05
CA ALA A 395 15.20 3.78 24.22
C ALA A 395 15.51 5.26 24.45
N PHE A 396 14.47 6.08 24.66
CA PHE A 396 14.70 7.47 25.00
C PHE A 396 15.41 7.61 26.34
N GLY A 397 15.03 6.79 27.32
CA GLY A 397 15.65 6.88 28.63
C GLY A 397 17.13 6.56 28.60
N ALA A 398 17.52 5.54 27.83
CA ALA A 398 18.94 5.17 27.73
C ALA A 398 19.75 6.29 27.09
N VAL A 399 19.26 6.82 25.96
CA VAL A 399 19.96 7.93 25.31
C VAL A 399 20.02 9.14 26.23
N VAL A 400 18.91 9.42 26.91
CA VAL A 400 18.87 10.58 27.82
C VAL A 400 19.85 10.39 28.98
N GLY A 401 19.85 9.19 29.58
CA GLY A 401 20.75 8.94 30.70
C GLY A 401 22.21 8.97 30.32
N ARG A 402 22.55 8.53 29.11
CA ARG A 402 23.94 8.56 28.67
C ARG A 402 24.44 9.97 28.37
N ALA A 403 23.54 10.94 28.27
CA ALA A 403 23.90 12.33 28.03
C ALA A 403 23.90 13.17 29.29
N GLY A 404 23.90 12.54 30.46
CA GLY A 404 23.87 13.28 31.71
C GLY A 404 22.52 13.84 32.08
N LEU A 405 21.44 13.28 31.52
CA LEU A 405 20.09 13.74 31.80
C LEU A 405 19.26 12.60 32.37
N ARG A 406 18.07 12.95 32.85
CA ARG A 406 17.11 11.97 33.34
C ARG A 406 15.71 12.42 32.94
N ILE A 407 14.82 11.46 32.77
CA ILE A 407 13.44 11.77 32.40
C ILE A 407 12.66 12.14 33.66
N LYS A 408 12.03 13.30 33.63
CA LYS A 408 11.22 13.80 34.74
C LYS A 408 9.73 13.50 34.56
N GLY A 409 9.24 13.58 33.32
CA GLY A 409 7.85 13.28 33.03
C GLY A 409 7.65 13.19 31.54
N VAL A 410 6.45 12.75 31.16
CA VAL A 410 6.07 12.61 29.75
C VAL A 410 4.67 13.17 29.57
N CYS A 411 4.51 14.09 28.62
CA CYS A 411 3.23 14.71 28.29
C CYS A 411 2.74 14.12 26.97
N LYS A 412 1.94 13.06 27.05
CA LYS A 412 1.40 12.44 25.85
C LYS A 412 0.16 13.18 25.38
N GLN A 413 0.05 13.35 24.06
CA GLN A 413 -1.06 14.07 23.46
C GLN A 413 -2.21 13.14 23.16
N GLU A 414 -3.42 13.69 23.20
CA GLU A 414 -4.63 12.91 22.97
C GLU A 414 -4.62 12.32 21.56
N GLY A 415 -5.13 11.09 21.44
CA GLY A 415 -5.29 10.47 20.14
C GLY A 415 -4.01 10.16 19.40
N GLY A 416 -2.94 9.86 20.11
CA GLY A 416 -1.67 9.55 19.47
C GLY A 416 -0.58 9.36 20.49
N ASP A 417 0.61 9.05 19.98
CA ASP A 417 1.78 8.80 20.82
C ASP A 417 2.80 9.93 20.77
N PHE A 418 2.50 11.02 20.07
CA PHE A 418 3.42 12.16 20.08
C PHE A 418 3.43 12.79 21.45
N SER A 419 4.62 12.99 22.01
CA SER A 419 4.74 13.41 23.40
C SER A 419 5.86 14.43 23.53
N TYR A 420 5.85 15.12 24.66
CA TYR A 420 6.95 16.00 25.06
C TYR A 420 7.59 15.36 26.30
N ILE A 421 8.82 14.87 26.12
CA ILE A 421 9.54 14.20 27.19
C ILE A 421 10.27 15.26 28.00
N GLU A 422 9.86 15.46 29.25
CA GLU A 422 10.49 16.44 30.12
C GLU A 422 11.72 15.84 30.77
N CYS A 423 12.88 16.41 30.49
CA CYS A 423 14.14 15.93 31.01
C CYS A 423 14.85 17.03 31.79
N VAL A 424 15.77 16.59 32.65
CA VAL A 424 16.48 17.48 33.57
C VAL A 424 17.87 16.90 33.80
N LYS A 425 18.78 17.75 34.27
CA LYS A 425 20.15 17.31 34.49
C LYS A 425 20.22 16.28 35.62
N ALA A 426 21.07 15.30 35.45
CA ALA A 426 21.22 14.21 36.43
C ALA A 426 21.79 14.72 37.75
N ALA B 30 -28.56 8.79 9.60
CA ALA B 30 -27.95 8.36 8.34
C ALA B 30 -26.65 7.60 8.58
N VAL B 31 -25.61 8.35 8.94
CA VAL B 31 -24.32 7.76 9.25
C VAL B 31 -24.43 6.82 10.45
N ALA B 32 -25.35 7.11 11.37
CA ALA B 32 -25.46 6.34 12.60
C ALA B 32 -25.84 4.89 12.32
N ASP B 33 -26.87 4.67 11.51
CA ASP B 33 -27.37 3.31 11.31
C ASP B 33 -26.46 2.48 10.42
N GLN B 34 -25.55 3.11 9.66
CA GLN B 34 -24.50 2.35 9.00
C GLN B 34 -23.60 1.69 10.04
N LEU B 35 -23.32 2.38 11.14
CA LEU B 35 -22.54 1.79 12.21
C LEU B 35 -23.31 0.67 12.90
N ASP B 36 -24.62 0.83 13.06
CA ASP B 36 -25.43 -0.22 13.69
C ASP B 36 -25.53 -1.46 12.80
N SER B 37 -25.69 -1.26 11.49
CA SER B 37 -25.75 -2.39 10.58
C SER B 37 -24.44 -3.17 10.57
N LEU B 38 -23.32 -2.46 10.56
CA LEU B 38 -22.03 -3.11 10.70
C LEU B 38 -21.90 -3.77 12.07
N ALA B 39 -22.32 -3.09 13.13
CA ALA B 39 -22.29 -3.70 14.45
C ALA B 39 -23.09 -4.99 14.49
N ALA B 40 -24.29 -4.97 13.88
CA ALA B 40 -25.12 -6.18 13.86
C ALA B 40 -24.45 -7.31 13.08
N LEU B 41 -23.73 -6.96 12.00
CA LEU B 41 -23.01 -7.98 11.25
C LEU B 41 -21.89 -8.60 12.08
N LEU B 42 -21.23 -7.78 12.91
CA LEU B 42 -20.18 -8.31 13.77
C LEU B 42 -20.76 -9.17 14.88
N THR B 43 -21.95 -8.85 15.38
CA THR B 43 -22.63 -9.74 16.31
C THR B 43 -22.89 -11.10 15.67
N SER B 44 -23.48 -11.09 14.47
CA SER B 44 -23.74 -12.34 13.77
C SER B 44 -22.46 -13.12 13.53
N ARG B 45 -21.38 -12.42 13.16
CA ARG B 45 -20.11 -13.09 12.92
C ARG B 45 -19.50 -13.65 14.19
N ALA B 46 -19.76 -13.02 15.34
CA ALA B 46 -19.10 -13.38 16.58
C ALA B 46 -19.51 -14.78 17.05
N GLN B 47 -20.82 -15.06 17.05
CA GLN B 47 -21.28 -16.36 17.55
C GLN B 47 -20.84 -17.49 16.64
N ALA B 48 -20.78 -17.25 15.33
CA ALA B 48 -20.50 -18.33 14.40
C ALA B 48 -19.05 -18.77 14.47
N VAL B 49 -18.11 -17.82 14.61
CA VAL B 49 -16.72 -18.20 14.77
C VAL B 49 -16.47 -18.80 16.14
N ARG B 50 -17.35 -18.51 17.12
CA ARG B 50 -17.27 -19.21 18.40
C ARG B 50 -17.56 -20.70 18.22
N ASN B 51 -18.58 -21.03 17.42
CA ASN B 51 -18.97 -22.42 17.18
C ASN B 51 -18.22 -23.06 16.03
N GLY B 52 -17.25 -22.38 15.43
CA GLY B 52 -16.59 -22.90 14.26
C GLY B 52 -17.52 -23.02 13.07
N ALA B 53 -18.42 -22.06 12.89
CA ALA B 53 -19.38 -22.06 11.81
C ALA B 53 -18.93 -21.14 10.68
N ALA B 54 -19.32 -21.49 9.45
CA ALA B 54 -18.73 -20.87 8.27
C ALA B 54 -19.31 -19.51 7.93
N VAL B 55 -20.58 -19.25 8.30
CA VAL B 55 -21.33 -18.05 7.96
C VAL B 55 -21.59 -18.02 6.44
N PRO B 56 -22.78 -17.63 6.00
CA PRO B 56 -23.05 -17.57 4.55
C PRO B 56 -22.06 -16.66 3.84
N PRO B 57 -21.67 -17.03 2.61
CA PRO B 57 -20.71 -16.19 1.87
C PRO B 57 -21.21 -14.78 1.63
N GLN B 58 -22.50 -14.61 1.34
CA GLN B 58 -23.07 -13.28 1.21
C GLN B 58 -22.89 -12.48 2.49
N GLN B 59 -23.05 -13.13 3.64
CA GLN B 59 -22.85 -12.44 4.92
C GLN B 59 -21.39 -12.07 5.14
N HIS B 60 -20.47 -12.91 4.66
CA HIS B 60 -19.05 -12.57 4.74
C HIS B 60 -18.73 -11.40 3.82
N VAL B 61 -19.35 -11.37 2.63
CA VAL B 61 -19.09 -10.29 1.68
C VAL B 61 -19.59 -8.96 2.23
N GLN B 62 -20.80 -8.95 2.77
CA GLN B 62 -21.36 -7.71 3.30
C GLN B 62 -20.70 -7.27 4.60
N LEU B 63 -19.88 -8.12 5.23
CA LEU B 63 -19.10 -7.69 6.38
C LEU B 63 -17.75 -7.11 5.98
N VAL B 64 -17.09 -7.69 4.96
CA VAL B 64 -15.86 -7.11 4.45
C VAL B 64 -16.12 -5.71 3.91
N LYS B 65 -17.10 -5.59 3.02
CA LYS B 65 -17.67 -4.28 2.74
C LYS B 65 -18.38 -3.77 3.99
N GLY B 66 -18.48 -2.46 4.12
CA GLY B 66 -19.00 -1.90 5.35
C GLY B 66 -17.88 -1.69 6.35
N LEU B 67 -17.14 -2.76 6.68
CA LEU B 67 -15.89 -2.57 7.40
C LEU B 67 -14.94 -1.66 6.63
N LYS B 68 -14.91 -1.81 5.30
CA LYS B 68 -14.21 -0.84 4.46
C LYS B 68 -14.93 0.50 4.46
N ASP B 69 -16.26 0.47 4.31
CA ASP B 69 -17.03 1.71 4.24
C ASP B 69 -17.00 2.46 5.56
N ALA B 70 -17.08 1.75 6.68
CA ALA B 70 -16.96 2.41 7.98
C ALA B 70 -15.58 3.04 8.14
N ALA B 71 -14.54 2.34 7.70
CA ALA B 71 -13.20 2.92 7.73
C ALA B 71 -13.14 4.18 6.86
N GLY B 72 -13.81 4.17 5.71
CA GLY B 72 -13.81 5.34 4.86
C GLY B 72 -14.53 6.54 5.46
N LEU B 73 -15.53 6.29 6.30
CA LEU B 73 -16.27 7.37 6.95
C LEU B 73 -15.60 7.84 8.24
N VAL B 74 -15.05 6.91 9.03
CA VAL B 74 -14.47 7.29 10.31
C VAL B 74 -13.08 7.89 10.14
N ASN B 75 -12.28 7.33 9.23
CA ASN B 75 -10.90 7.80 9.06
C ASN B 75 -10.88 9.27 8.64
N GLU B 76 -9.98 10.03 9.27
CA GLU B 76 -9.66 11.34 8.74
C GLU B 76 -8.79 11.19 7.50
N ALA B 77 -8.69 12.27 6.72
CA ALA B 77 -7.93 12.22 5.48
C ALA B 77 -6.47 11.84 5.75
N ARG B 78 -5.90 12.36 6.84
CA ARG B 78 -4.52 12.04 7.19
C ARG B 78 -4.38 10.58 7.62
N GLU B 79 -5.41 10.03 8.27
CA GLU B 79 -5.36 8.64 8.69
C GLU B 79 -5.52 7.71 7.50
N ASP B 80 -6.36 8.08 6.54
CA ASP B 80 -6.54 7.24 5.35
C ASP B 80 -5.27 7.23 4.50
N LEU B 81 -4.58 8.37 4.40
CA LEU B 81 -3.29 8.38 3.73
C LEU B 81 -2.29 7.51 4.47
N GLY B 82 -2.35 7.49 5.80
CA GLY B 82 -1.48 6.63 6.57
C GLY B 82 -1.72 5.15 6.30
N ASP B 83 -3.00 4.76 6.19
CA ASP B 83 -3.33 3.37 5.87
C ASP B 83 -2.70 2.95 4.55
N LEU B 84 -2.76 3.83 3.54
CA LEU B 84 -2.24 3.50 2.22
C LEU B 84 -0.72 3.35 2.25
N MSE B 85 -0.03 4.21 3.00
CA MSE B 85 1.42 4.17 3.08
C MSE B 85 1.89 2.93 3.84
O MSE B 85 2.94 2.37 3.53
CB MSE B 85 1.94 5.44 3.78
CG MSE B 85 2.23 6.60 2.84
SE MSE B 85 3.73 6.30 1.65
CE MSE B 85 2.87 6.70 -0.04
N MSE B 86 1.10 2.52 4.83
CA MSE B 86 1.42 1.34 5.63
C MSE B 86 1.43 0.08 4.77
O MSE B 86 2.29 -0.78 4.91
CB MSE B 86 0.43 1.17 6.77
CG MSE B 86 0.45 -0.19 7.44
SE MSE B 86 1.83 -0.31 8.81
CE MSE B 86 3.26 -1.06 7.78
N SER B 87 0.47 -0.01 3.84
CA SER B 87 0.41 -1.17 2.95
C SER B 87 1.75 -1.39 2.26
N PHE B 88 2.42 -0.31 1.87
CA PHE B 88 3.74 -0.45 1.26
C PHE B 88 4.78 -0.87 2.28
N VAL B 89 4.70 -0.34 3.50
CA VAL B 89 5.68 -0.71 4.52
C VAL B 89 5.41 -2.14 5.00
N GLN B 90 4.14 -2.53 5.08
CA GLN B 90 3.80 -3.90 5.49
C GLN B 90 4.29 -4.91 4.48
N VAL B 91 4.13 -4.62 3.19
CA VAL B 91 4.63 -5.54 2.17
C VAL B 91 6.15 -5.57 2.19
N THR B 92 6.79 -4.48 2.59
CA THR B 92 8.25 -4.47 2.63
C THR B 92 8.76 -5.29 3.81
N ALA B 93 8.08 -5.20 4.95
CA ALA B 93 8.44 -6.03 6.09
C ALA B 93 8.24 -7.51 5.76
N LEU B 94 7.13 -7.84 5.09
CA LEU B 94 6.90 -9.22 4.68
C LEU B 94 8.00 -9.71 3.75
N ARG B 95 8.35 -8.88 2.75
CA ARG B 95 9.37 -9.27 1.78
C ARG B 95 10.72 -9.50 2.46
N LEU B 96 11.10 -8.62 3.39
CA LEU B 96 12.41 -8.73 4.01
C LEU B 96 12.48 -9.93 4.94
N LEU B 97 11.44 -10.16 5.74
CA LEU B 97 11.45 -11.30 6.65
C LEU B 97 11.38 -12.63 5.90
N ILE B 98 10.77 -12.64 4.72
CA ILE B 98 10.78 -13.84 3.89
C ILE B 98 12.17 -14.09 3.34
N LYS B 99 12.79 -13.06 2.77
CA LYS B 99 14.11 -13.21 2.19
C LYS B 99 15.16 -13.59 3.24
N TRP B 100 14.99 -13.13 4.47
CA TRP B 100 15.96 -13.35 5.53
C TRP B 100 15.69 -14.62 6.33
N LYS B 101 14.71 -15.42 5.93
CA LYS B 101 14.36 -16.68 6.59
C LYS B 101 13.90 -16.46 8.03
N VAL B 102 13.25 -15.33 8.30
CA VAL B 102 12.78 -15.06 9.66
C VAL B 102 11.56 -15.90 9.99
N PHE B 103 10.64 -16.03 9.03
CA PHE B 103 9.48 -16.90 9.25
C PHE B 103 9.89 -18.35 9.42
N GLU B 104 11.02 -18.75 8.85
CA GLU B 104 11.52 -20.10 9.02
C GLU B 104 12.07 -20.32 10.43
N ALA B 105 12.59 -19.27 11.05
CA ALA B 105 13.20 -19.40 12.37
C ALA B 105 12.20 -19.33 13.51
N ILE B 106 10.99 -18.85 13.24
CA ILE B 106 9.96 -18.80 14.29
C ILE B 106 9.39 -20.20 14.48
N PRO B 107 9.25 -20.68 15.71
CA PRO B 107 8.68 -22.01 15.93
C PRO B 107 7.26 -22.11 15.39
N LEU B 108 6.86 -23.35 15.12
CA LEU B 108 5.51 -23.64 14.65
C LEU B 108 4.48 -23.13 15.65
N GLU B 109 4.48 -23.71 16.84
CA GLU B 109 3.64 -23.31 17.95
C GLU B 109 4.51 -22.57 18.98
N GLY B 110 3.85 -21.76 19.79
CA GLY B 110 4.53 -21.07 20.87
C GLY B 110 5.27 -19.84 20.41
N THR B 111 5.94 -19.19 21.37
CA THR B 111 6.59 -17.92 21.17
C THR B 111 8.11 -18.07 21.15
N ILE B 112 8.77 -16.99 20.77
CA ILE B 112 10.23 -16.93 20.72
C ILE B 112 10.64 -15.47 20.86
N SER B 113 11.72 -15.23 21.59
CA SER B 113 12.17 -13.87 21.82
C SER B 113 12.81 -13.29 20.56
N TYR B 114 12.77 -11.95 20.45
CA TYR B 114 13.41 -11.28 19.33
C TYR B 114 14.91 -11.57 19.31
N ALA B 115 15.52 -11.70 20.49
CA ALA B 115 16.95 -12.00 20.55
C ALA B 115 17.25 -13.37 19.96
N ASP B 116 16.34 -14.33 20.15
CA ASP B 116 16.56 -15.67 19.60
C ASP B 116 16.37 -15.68 18.09
N VAL B 117 15.29 -15.06 17.60
CA VAL B 117 15.08 -14.95 16.16
C VAL B 117 16.29 -14.30 15.50
N ALA B 118 16.79 -13.22 16.10
CA ALA B 118 17.95 -12.53 15.56
C ALA B 118 19.17 -13.44 15.53
N ALA B 119 19.39 -14.22 16.59
CA ALA B 119 20.55 -15.09 16.64
C ALA B 119 20.45 -16.23 15.63
N ARG B 120 19.24 -16.74 15.39
CA ARG B 120 19.09 -17.84 14.44
C ARG B 120 19.37 -17.39 13.01
N VAL B 121 18.91 -16.19 12.65
CA VAL B 121 19.12 -15.66 11.30
C VAL B 121 20.35 -14.78 11.21
N GLY B 122 21.05 -14.56 12.32
CA GLY B 122 22.26 -13.76 12.32
C GLY B 122 22.05 -12.33 11.81
N ILE B 123 21.05 -11.65 12.35
CA ILE B 123 20.71 -10.29 11.94
C ILE B 123 20.51 -9.43 13.18
N ASP B 124 20.93 -8.17 13.09
CA ASP B 124 20.69 -7.15 14.10
C ASP B 124 19.31 -7.29 14.71
N VAL B 125 19.25 -7.49 16.03
CA VAL B 125 17.97 -7.69 16.70
C VAL B 125 17.11 -6.44 16.62
N ASN B 126 17.74 -5.25 16.59
CA ASN B 126 16.97 -4.02 16.47
C ASN B 126 16.25 -3.96 15.12
N LEU B 127 16.92 -4.40 14.05
CA LEU B 127 16.28 -4.40 12.75
C LEU B 127 15.17 -5.44 12.68
N ILE B 128 15.41 -6.62 13.25
CA ILE B 128 14.38 -7.65 13.32
C ILE B 128 13.15 -7.13 14.06
N THR B 129 13.37 -6.44 15.17
CA THR B 129 12.26 -5.99 16.01
C THR B 129 11.45 -4.90 15.30
N ARG B 130 12.11 -3.97 14.62
CA ARG B 130 11.37 -2.88 13.97
C ARG B 130 10.52 -3.40 12.82
N LEU B 131 11.05 -4.34 12.03
CA LEU B 131 10.26 -4.88 10.93
C LEU B 131 9.13 -5.79 11.42
N SER B 132 9.41 -6.59 12.46
CA SER B 132 8.35 -7.44 13.01
C SER B 132 7.28 -6.62 13.72
N TRP B 133 7.66 -5.49 14.32
CA TRP B 133 6.65 -4.60 14.91
C TRP B 133 5.64 -4.14 13.87
N VAL B 134 6.07 -4.00 12.61
CA VAL B 134 5.14 -3.68 11.53
C VAL B 134 4.10 -4.78 11.38
N LEU B 135 4.54 -6.03 11.35
CA LEU B 135 3.60 -7.14 11.21
C LEU B 135 2.78 -7.35 12.47
N VAL B 136 3.37 -7.07 13.65
CA VAL B 136 2.62 -7.15 14.89
C VAL B 136 1.49 -6.12 14.88
N ALA B 137 1.78 -4.91 14.44
CA ALA B 137 0.78 -3.85 14.42
C ALA B 137 -0.34 -4.16 13.43
N THR B 138 0.00 -4.77 12.29
CA THR B 138 -1.00 -5.10 11.29
C THR B 138 -1.72 -6.42 11.57
N GLY B 139 -1.28 -7.19 12.56
CA GLY B 139 -1.93 -8.43 12.90
C GLY B 139 -1.39 -9.65 12.19
N VAL B 140 -0.40 -9.50 11.31
CA VAL B 140 0.18 -10.67 10.66
C VAL B 140 0.95 -11.51 11.67
N LEU B 141 1.66 -10.87 12.59
CA LEU B 141 2.33 -11.54 13.68
C LEU B 141 1.71 -11.12 15.01
N LYS B 142 1.98 -11.92 16.03
CA LYS B 142 1.49 -11.66 17.38
C LYS B 142 2.67 -11.53 18.33
N GLN B 143 2.67 -10.47 19.12
CA GLN B 143 3.70 -10.27 20.14
C GLN B 143 3.14 -10.69 21.49
N ASP B 144 3.91 -11.49 22.22
CA ASP B 144 3.54 -11.96 23.55
C ASP B 144 4.47 -11.30 24.56
N GLY B 145 3.92 -10.44 25.41
CA GLY B 145 4.74 -9.71 26.36
C GLY B 145 5.52 -8.59 25.74
N SER B 146 6.76 -8.39 26.20
CA SER B 146 7.59 -7.27 25.75
C SER B 146 8.59 -7.65 24.67
N ASP B 147 8.87 -8.95 24.48
CA ASP B 147 9.98 -9.32 23.61
C ASP B 147 9.77 -10.62 22.85
N LYS B 148 8.60 -11.25 22.91
CA LYS B 148 8.38 -12.56 22.30
C LYS B 148 7.36 -12.46 21.18
N ILE B 149 7.59 -13.24 20.12
CA ILE B 149 6.79 -13.19 18.91
C ILE B 149 6.33 -14.61 18.58
N GLN B 150 5.27 -14.71 17.79
CA GLN B 150 4.72 -16.01 17.42
C GLN B 150 3.96 -15.90 16.10
N HIS B 151 3.83 -17.05 15.44
CA HIS B 151 3.08 -17.12 14.20
C HIS B 151 1.59 -16.94 14.45
N THR B 152 0.88 -16.56 13.38
CA THR B 152 -0.58 -16.55 13.34
C THR B 152 -1.03 -17.25 12.07
N ALA B 153 -2.34 -17.29 11.84
CA ALA B 153 -2.85 -17.87 10.61
C ALA B 153 -2.59 -16.98 9.41
N ARG B 154 -2.25 -15.71 9.63
CA ARG B 154 -1.96 -14.79 8.54
C ARG B 154 -0.48 -14.72 8.20
N SER B 155 0.39 -15.26 9.05
CA SER B 155 1.83 -15.28 8.79
C SER B 155 2.31 -16.61 8.24
N ARG B 156 1.66 -17.72 8.60
CA ARG B 156 2.13 -19.04 8.19
C ARG B 156 2.27 -19.22 6.68
N PRO B 157 1.36 -18.74 5.84
CA PRO B 157 1.57 -18.93 4.39
C PRO B 157 2.88 -18.34 3.87
N TYR B 158 3.41 -17.32 4.53
CA TYR B 158 4.63 -16.67 4.09
C TYR B 158 5.88 -17.33 4.65
N ALA B 159 5.73 -18.44 5.36
CA ALA B 159 6.85 -19.24 5.83
C ALA B 159 7.22 -20.37 4.87
N SER B 160 6.53 -20.48 3.75
CA SER B 160 6.71 -21.59 2.82
C SER B 160 6.61 -21.10 1.39
N ARG B 161 6.89 -22.01 0.46
CA ARG B 161 6.78 -21.73 -0.97
C ARG B 161 5.43 -22.25 -1.44
N ASN B 162 4.51 -21.33 -1.72
CA ASN B 162 3.17 -21.66 -2.15
C ASN B 162 2.68 -20.52 -3.05
N PRO B 163 1.56 -20.72 -3.76
CA PRO B 163 1.07 -19.64 -4.64
C PRO B 163 0.86 -18.31 -3.94
N LEU B 164 0.38 -18.32 -2.70
CA LEU B 164 0.14 -17.06 -2.01
C LEU B 164 1.43 -16.33 -1.70
N SER B 165 2.41 -17.04 -1.13
CA SER B 165 3.69 -16.41 -0.84
C SER B 165 4.42 -16.02 -2.13
N ALA B 166 4.26 -16.80 -3.19
CA ALA B 166 4.88 -16.45 -4.47
C ALA B 166 4.29 -15.18 -5.04
N MSE B 167 2.98 -15.01 -4.93
CA MSE B 167 2.30 -13.84 -5.47
C MSE B 167 2.75 -12.54 -4.80
O MSE B 167 3.02 -11.55 -5.47
CB MSE B 167 0.78 -13.99 -5.32
CG MSE B 167 0.00 -12.78 -5.82
SE MSE B 167 -0.50 -12.96 -7.69
CE MSE B 167 0.94 -11.92 -8.50
N MSE B 168 2.84 -12.58 -3.48
CA MSE B 168 3.25 -11.41 -2.72
C MSE B 168 4.68 -11.02 -3.07
O MSE B 168 5.00 -9.84 -3.18
CB MSE B 168 3.08 -11.66 -1.21
CG MSE B 168 3.65 -10.57 -0.33
SE MSE B 168 5.50 -10.90 0.19
CE MSE B 168 6.21 -9.12 -0.13
N ILE B 169 5.54 -12.04 -3.23
CA ILE B 169 6.90 -11.78 -3.71
C ILE B 169 6.86 -11.16 -5.10
N ILE B 170 6.01 -11.70 -5.98
CA ILE B 170 5.87 -11.15 -7.33
C ILE B 170 5.36 -9.71 -7.26
N GLY B 171 4.37 -9.46 -6.41
CA GLY B 171 3.83 -8.11 -6.31
C GLY B 171 4.87 -7.09 -5.88
N PHE B 172 5.77 -7.50 -4.99
CA PHE B 172 6.85 -6.61 -4.57
C PHE B 172 7.94 -6.52 -5.63
N ASP B 173 8.38 -7.66 -6.15
CA ASP B 173 9.56 -7.69 -7.01
C ASP B 173 9.27 -7.22 -8.43
N GLU B 174 8.04 -7.33 -8.90
CA GLU B 174 7.84 -7.02 -10.30
C GLU B 174 6.69 -6.05 -10.56
N TYR B 175 5.56 -6.21 -9.88
CA TYR B 175 4.44 -5.29 -10.10
C TYR B 175 4.70 -3.93 -9.46
N LEU B 176 5.25 -3.92 -8.24
CA LEU B 176 5.48 -2.67 -7.52
C LEU B 176 6.42 -1.72 -8.25
N PRO B 177 7.57 -2.15 -8.77
CA PRO B 177 8.40 -1.21 -9.53
C PRO B 177 7.70 -0.63 -10.76
N ALA B 178 6.80 -1.40 -11.37
CA ALA B 178 6.06 -0.88 -12.52
C ALA B 178 5.08 0.20 -12.11
N LEU B 179 4.42 0.03 -10.95
CA LEU B 179 3.47 1.04 -10.49
C LEU B 179 4.19 2.35 -10.13
N LEU B 180 5.36 2.26 -9.49
CA LEU B 180 6.08 3.46 -9.13
C LEU B 180 6.64 4.18 -10.35
N ALA B 181 6.90 3.44 -11.43
CA ALA B 181 7.47 4.04 -12.63
C ALA B 181 6.41 4.65 -13.55
N MSE B 182 5.14 4.55 -13.21
CA MSE B 182 4.07 5.01 -14.10
C MSE B 182 4.02 6.53 -14.31
O MSE B 182 3.78 6.96 -15.44
CB MSE B 182 2.71 4.51 -13.62
CG MSE B 182 2.21 3.35 -14.44
SE MSE B 182 1.01 2.18 -13.46
CE MSE B 182 -0.66 3.11 -13.63
N PRO B 183 4.19 7.34 -13.25
CA PRO B 183 4.28 8.79 -13.50
C PRO B 183 5.37 9.17 -14.48
N GLY B 184 6.53 8.53 -14.39
CA GLY B 184 7.59 8.79 -15.35
C GLY B 184 7.33 8.17 -16.70
N TYR B 185 6.71 6.98 -16.72
CA TYR B 185 6.44 6.29 -17.99
C TYR B 185 5.54 7.13 -18.89
N PHE B 186 4.45 7.66 -18.34
CA PHE B 186 3.53 8.48 -19.13
C PHE B 186 4.14 9.81 -19.52
N ASP B 187 5.18 10.27 -18.80
CA ASP B 187 5.88 11.49 -19.18
C ASP B 187 6.76 11.29 -20.40
N THR B 188 7.15 10.05 -20.70
CA THR B 188 8.04 9.78 -21.83
C THR B 188 7.33 9.20 -23.04
N TYR B 189 6.27 8.40 -22.84
CA TYR B 189 5.57 7.78 -23.95
C TYR B 189 4.23 8.43 -24.25
N GLY B 190 3.75 9.32 -23.41
CA GLY B 190 2.46 9.95 -23.63
C GLY B 190 1.45 9.48 -22.61
N LYS B 191 0.58 10.39 -22.18
CA LYS B 191 -0.45 10.09 -21.20
C LYS B 191 -1.64 9.46 -21.91
N LYS B 192 -1.40 8.27 -22.46
CA LYS B 192 -2.41 7.49 -23.16
C LYS B 192 -2.36 6.06 -22.67
N GLU B 193 -3.42 5.31 -22.97
CA GLU B 193 -3.52 3.91 -22.61
C GLU B 193 -2.29 3.14 -23.14
N PRO B 194 -1.54 2.46 -22.28
CA PRO B 194 -0.43 1.64 -22.76
C PRO B 194 -0.94 0.36 -23.40
N PHE B 195 -0.38 0.03 -24.57
CA PHE B 195 -0.86 -1.07 -25.37
C PHE B 195 0.31 -1.77 -26.05
N GLY B 196 0.19 -3.08 -26.21
CA GLY B 196 1.18 -3.87 -26.93
C GLY B 196 2.19 -4.51 -26.00
N GLU B 197 3.02 -5.39 -26.60
CA GLU B 197 4.06 -6.09 -25.87
C GLU B 197 5.38 -5.32 -25.86
N LYS B 198 5.48 -4.24 -26.61
CA LYS B 198 6.70 -3.43 -26.69
C LYS B 198 6.55 -2.15 -25.89
N HIS B 199 7.65 -1.71 -25.29
CA HIS B 199 7.69 -0.47 -24.50
C HIS B 199 6.66 -0.50 -23.37
N THR B 200 6.53 -1.64 -22.71
CA THR B 200 5.61 -1.76 -21.59
C THR B 200 6.14 -0.99 -20.39
N VAL B 201 5.24 -0.73 -19.43
CA VAL B 201 5.64 -0.07 -18.19
C VAL B 201 6.60 -0.97 -17.42
N LYS B 202 6.37 -2.28 -17.44
CA LYS B 202 7.25 -3.21 -16.75
C LYS B 202 8.66 -3.16 -17.34
N ALA B 203 8.76 -3.24 -18.67
CA ALA B 203 10.07 -3.16 -19.31
C ALA B 203 10.71 -1.80 -19.09
N PHE B 204 9.89 -0.74 -19.04
CA PHE B 204 10.41 0.59 -18.74
C PHE B 204 10.96 0.65 -17.31
N SER B 205 10.23 0.08 -16.35
CA SER B 205 10.63 0.16 -14.95
C SER B 205 11.93 -0.58 -14.68
N GLU B 206 12.23 -1.61 -15.46
CA GLU B 206 13.44 -2.40 -15.27
C GLU B 206 14.63 -1.87 -16.06
N GLY B 207 14.47 -0.73 -16.75
CA GLY B 207 15.58 -0.11 -17.45
C GLY B 207 15.82 -0.62 -18.86
N ASN B 208 15.02 -1.58 -19.34
CA ASN B 208 15.16 -2.13 -20.69
C ASN B 208 13.81 -2.04 -21.40
N PRO B 209 13.42 -0.84 -21.82
CA PRO B 209 12.11 -0.69 -22.49
C PRO B 209 12.02 -1.41 -23.83
N GLU B 210 13.14 -1.71 -24.47
CA GLU B 210 13.12 -2.41 -25.75
C GLU B 210 12.95 -3.92 -25.59
N LEU B 211 12.90 -4.42 -24.37
CA LEU B 211 12.61 -5.82 -24.11
C LEU B 211 11.11 -6.02 -23.95
N THR B 212 10.65 -7.20 -24.35
CA THR B 212 9.26 -7.58 -24.10
C THR B 212 9.16 -8.27 -22.75
N VAL B 213 7.93 -8.28 -22.20
CA VAL B 213 7.71 -8.75 -20.84
C VAL B 213 8.20 -10.18 -20.66
N ASN B 214 7.96 -11.04 -21.65
CA ASN B 214 8.31 -12.45 -21.50
C ASN B 214 9.78 -12.72 -21.77
N GLN B 215 10.47 -11.86 -22.52
CA GLN B 215 11.93 -11.91 -22.53
C GLN B 215 12.48 -11.60 -21.14
N ILE B 216 11.84 -10.67 -20.43
CA ILE B 216 12.28 -10.30 -19.09
C ILE B 216 12.07 -11.48 -18.12
N LEU B 217 10.96 -12.19 -18.26
CA LEU B 217 10.70 -13.33 -17.38
C LEU B 217 11.57 -14.53 -17.74
N ALA B 218 12.05 -14.62 -18.98
CA ALA B 218 12.97 -15.67 -19.36
C ALA B 218 14.40 -15.38 -18.93
N SER B 219 14.63 -14.30 -18.20
CA SER B 219 15.94 -14.04 -17.63
C SER B 219 16.43 -15.22 -16.79
N SER B 220 15.63 -15.62 -15.79
CA SER B 220 16.00 -16.81 -15.04
C SER B 220 14.83 -17.78 -14.99
N PRO B 221 15.10 -19.09 -15.09
CA PRO B 221 14.03 -20.05 -15.44
C PRO B 221 12.87 -20.11 -14.44
N GLU B 222 13.10 -19.92 -13.14
CA GLU B 222 12.00 -19.87 -12.19
C GLU B 222 11.73 -18.48 -11.64
N ARG B 223 12.35 -17.45 -12.18
CA ARG B 223 11.69 -16.14 -12.21
C ARG B 223 10.36 -16.27 -12.93
N LEU B 224 10.35 -17.03 -14.03
CA LEU B 224 9.09 -17.45 -14.66
C LEU B 224 8.39 -18.50 -13.80
N GLY B 225 9.15 -19.36 -13.14
CA GLY B 225 8.55 -20.37 -12.29
C GLY B 225 7.89 -19.79 -11.05
N ASN B 226 8.47 -18.70 -10.51
CA ASN B 226 7.77 -17.98 -9.44
C ASN B 226 6.44 -17.45 -9.95
N MSE B 227 6.41 -16.99 -11.20
CA MSE B 227 5.22 -16.41 -11.80
C MSE B 227 4.12 -17.45 -12.01
O MSE B 227 2.97 -17.21 -11.66
CB MSE B 227 5.58 -15.75 -13.13
CG MSE B 227 5.69 -14.23 -13.07
SE MSE B 227 4.18 -13.39 -12.16
CE MSE B 227 2.81 -13.64 -13.51
N THR B 228 4.48 -18.61 -12.59
CA THR B 228 3.47 -19.63 -12.85
C THR B 228 2.95 -20.26 -11.56
N LEU B 229 3.79 -20.34 -10.52
CA LEU B 229 3.30 -20.77 -9.22
C LEU B 229 2.41 -19.71 -8.59
N ALA B 230 2.76 -18.43 -8.78
CA ALA B 230 2.01 -17.35 -8.15
C ALA B 230 0.62 -17.19 -8.73
N MSE B 231 0.44 -17.52 -10.01
CA MSE B 231 -0.85 -17.31 -10.66
C MSE B 231 -1.90 -18.30 -10.16
O MSE B 231 -3.03 -18.30 -10.64
CB MSE B 231 -0.70 -17.41 -12.17
CG MSE B 231 0.20 -16.35 -12.78
SE MSE B 231 -0.71 -14.67 -13.20
CE MSE B 231 -0.76 -13.85 -11.43
N ALA B 232 -1.52 -19.13 -9.19
CA ALA B 232 -2.48 -19.92 -8.44
C ALA B 232 -3.05 -19.16 -7.24
N ALA B 233 -2.50 -17.98 -6.92
CA ALA B 233 -3.10 -17.14 -5.88
C ALA B 233 -4.18 -16.22 -6.44
N MSE B 234 -4.01 -15.77 -7.68
CA MSE B 234 -5.05 -15.02 -8.38
C MSE B 234 -5.94 -16.01 -9.11
O MSE B 234 -6.74 -15.66 -9.97
CB MSE B 234 -4.44 -13.99 -9.33
CG MSE B 234 -3.94 -12.72 -8.63
SE MSE B 234 -5.37 -11.64 -7.87
CE MSE B 234 -4.64 -11.37 -6.07
N GLU B 235 -5.77 -17.28 -8.73
CA GLU B 235 -6.51 -18.40 -9.30
C GLU B 235 -7.83 -18.56 -8.57
N ASN B 236 -8.67 -17.54 -8.65
CA ASN B 236 -10.03 -17.72 -8.18
C ASN B 236 -10.72 -18.67 -9.15
N MSE B 237 -10.66 -19.97 -8.84
CA MSE B 237 -11.02 -20.98 -9.84
C MSE B 237 -12.51 -21.26 -9.96
O MSE B 237 -13.17 -21.69 -9.00
CB MSE B 237 -10.29 -22.30 -9.54
CG MSE B 237 -10.22 -23.24 -10.73
SE MSE B 237 -8.45 -23.98 -11.10
CE MSE B 237 -8.00 -24.55 -9.29
N TYR B 238 -13.02 -21.04 -11.16
CA TYR B 238 -14.35 -21.46 -11.55
C TYR B 238 -14.24 -22.64 -12.50
N PRO B 239 -14.90 -23.76 -12.20
CA PRO B 239 -14.57 -25.03 -12.85
C PRO B 239 -15.03 -25.18 -14.29
N LEU B 240 -15.92 -24.31 -14.77
CA LEU B 240 -16.43 -24.35 -16.15
C LEU B 240 -17.31 -25.58 -16.42
N SER B 241 -16.92 -26.74 -15.89
CA SER B 241 -17.67 -27.97 -16.15
C SER B 241 -19.09 -27.88 -15.63
N GLY B 242 -19.27 -27.35 -14.43
CA GLY B 242 -20.59 -27.10 -13.89
C GLY B 242 -21.22 -25.79 -14.32
N VAL B 243 -20.63 -25.12 -15.31
CA VAL B 243 -21.11 -23.83 -15.78
C VAL B 243 -21.65 -23.93 -17.20
N TYR B 244 -20.96 -24.66 -18.07
CA TYR B 244 -21.34 -24.81 -19.46
C TYR B 244 -21.79 -26.24 -19.72
N ASP B 245 -22.89 -26.38 -20.47
CA ASP B 245 -23.42 -27.69 -20.80
C ASP B 245 -22.63 -28.28 -21.97
N PHE B 246 -21.86 -29.33 -21.71
CA PHE B 246 -21.04 -29.99 -22.72
C PHE B 246 -21.73 -31.22 -23.30
N SER B 247 -23.00 -31.46 -22.95
CA SER B 247 -23.67 -32.68 -23.40
C SER B 247 -23.86 -32.69 -24.91
N TRP B 248 -24.14 -31.53 -25.50
CA TRP B 248 -24.29 -31.46 -26.95
C TRP B 248 -22.98 -31.78 -27.66
N VAL B 249 -21.85 -31.49 -27.02
CA VAL B 249 -20.55 -31.85 -27.59
C VAL B 249 -20.41 -33.36 -27.66
N ALA B 250 -20.84 -34.06 -26.61
CA ALA B 250 -20.76 -35.51 -26.59
C ALA B 250 -21.58 -36.13 -27.73
N ALA B 251 -22.72 -35.51 -28.06
CA ALA B 251 -23.50 -35.99 -29.19
C ALA B 251 -22.74 -35.81 -30.50
N LYS B 252 -21.98 -34.72 -30.63
CA LYS B 252 -21.16 -34.53 -31.82
C LYS B 252 -20.05 -35.56 -31.91
N ALA B 253 -19.56 -36.06 -30.77
CA ALA B 253 -18.46 -37.01 -30.77
C ALA B 253 -18.85 -38.31 -31.46
N ALA B 254 -20.10 -38.75 -31.27
CA ALA B 254 -20.56 -39.97 -31.92
C ALA B 254 -20.92 -39.76 -33.39
N SER B 255 -21.23 -38.52 -33.78
CA SER B 255 -21.61 -38.24 -35.16
C SER B 255 -20.42 -38.04 -36.09
N ASP B 256 -19.26 -37.68 -35.54
CA ASP B 256 -18.02 -37.56 -36.32
C ASP B 256 -16.91 -38.17 -35.47
N SER B 257 -16.50 -39.38 -35.83
CA SER B 257 -15.57 -40.14 -34.99
C SER B 257 -14.17 -39.55 -34.97
N ASN B 258 -13.79 -38.78 -35.99
CA ASN B 258 -12.44 -38.27 -36.10
C ASN B 258 -12.33 -36.78 -35.79
N ARG B 259 -13.44 -36.13 -35.46
CA ARG B 259 -13.41 -34.69 -35.25
C ARG B 259 -12.77 -34.38 -33.89
N PRO B 260 -11.90 -33.37 -33.82
CA PRO B 260 -11.42 -32.90 -32.52
C PRO B 260 -12.57 -32.30 -31.72
N LEU B 261 -12.52 -32.49 -30.41
CA LEU B 261 -13.63 -32.07 -29.56
C LEU B 261 -13.37 -30.71 -28.92
N ILE B 262 -12.49 -30.67 -27.92
CA ILE B 262 -12.20 -29.44 -27.18
C ILE B 262 -10.72 -29.12 -27.35
N VAL B 263 -10.44 -27.91 -27.83
CA VAL B 263 -9.07 -27.41 -27.97
C VAL B 263 -8.88 -26.30 -26.95
N ASP B 264 -7.95 -26.51 -26.02
CA ASP B 264 -7.66 -25.54 -24.96
C ASP B 264 -6.46 -24.70 -25.40
N VAL B 265 -6.74 -23.49 -25.86
CA VAL B 265 -5.71 -22.61 -26.41
C VAL B 265 -5.08 -21.83 -25.26
N GLY B 266 -3.78 -22.04 -25.05
CA GLY B 266 -3.12 -21.44 -23.91
C GLY B 266 -3.56 -22.01 -22.58
N GLY B 267 -3.96 -23.28 -22.56
CA GLY B 267 -4.48 -23.91 -21.36
C GLY B 267 -3.43 -24.22 -20.31
N ALA B 268 -2.14 -24.13 -20.66
CA ALA B 268 -1.05 -24.32 -19.72
C ALA B 268 -1.11 -25.66 -19.01
N LYS B 269 -1.92 -25.73 -17.95
CA LYS B 269 -1.91 -26.90 -17.08
C LYS B 269 -2.46 -28.14 -17.79
N GLY B 270 -3.66 -28.03 -18.36
CA GLY B 270 -4.44 -29.21 -18.67
C GLY B 270 -5.42 -29.58 -17.58
N HIS B 271 -5.50 -28.79 -16.51
CA HIS B 271 -6.49 -29.01 -15.46
C HIS B 271 -7.91 -28.86 -15.99
N THR B 272 -8.13 -27.82 -16.80
CA THR B 272 -9.48 -27.56 -17.31
C THR B 272 -9.98 -28.72 -18.16
N LEU B 273 -9.11 -29.29 -18.99
CA LEU B 273 -9.53 -30.36 -19.89
C LEU B 273 -9.92 -31.61 -19.13
N GLN B 274 -9.12 -32.01 -18.13
CA GLN B 274 -9.44 -33.21 -17.37
C GLN B 274 -10.69 -33.01 -16.54
N ALA B 275 -10.90 -31.80 -16.02
CA ALA B 275 -12.10 -31.52 -15.25
C ALA B 275 -13.35 -31.63 -16.10
N ILE B 276 -13.30 -31.12 -17.33
CA ILE B 276 -14.46 -31.17 -18.21
C ILE B 276 -14.78 -32.62 -18.59
N CYS B 277 -13.74 -33.42 -18.86
CA CYS B 277 -13.95 -34.78 -19.36
C CYS B 277 -14.32 -35.74 -18.24
N LYS B 278 -13.79 -35.56 -17.04
CA LYS B 278 -14.25 -36.38 -15.92
C LYS B 278 -15.69 -36.05 -15.54
N ASP B 279 -16.17 -34.85 -15.87
CA ASP B 279 -17.51 -34.43 -15.51
C ASP B 279 -18.54 -34.62 -16.62
N THR B 280 -18.10 -34.85 -17.85
CA THR B 280 -19.02 -35.04 -18.98
C THR B 280 -18.80 -36.42 -19.60
N PRO B 281 -19.79 -37.30 -19.56
CA PRO B 281 -19.58 -38.65 -20.13
C PRO B 281 -19.57 -38.62 -21.65
N ALA B 282 -18.87 -39.60 -22.22
CA ALA B 282 -18.71 -39.75 -23.67
C ALA B 282 -18.03 -38.54 -24.30
N LEU B 283 -17.23 -37.82 -23.51
CA LEU B 283 -16.35 -36.76 -24.00
C LEU B 283 -14.93 -37.15 -23.60
N PRO B 284 -14.27 -38.00 -24.39
CA PRO B 284 -12.98 -38.55 -23.97
C PRO B 284 -11.89 -37.49 -24.02
N ILE B 285 -10.98 -37.57 -23.04
CA ILE B 285 -9.86 -36.62 -22.97
C ILE B 285 -8.92 -36.81 -24.16
N GLU B 286 -8.84 -38.03 -24.69
CA GLU B 286 -7.91 -38.32 -25.78
C GLU B 286 -8.27 -37.60 -27.07
N ARG B 287 -9.54 -37.22 -27.25
CA ARG B 287 -9.97 -36.49 -28.44
C ARG B 287 -9.94 -34.98 -28.23
N CYS B 288 -9.29 -34.50 -27.17
CA CYS B 288 -9.11 -33.08 -26.91
C CYS B 288 -7.62 -32.75 -26.98
N VAL B 289 -7.34 -31.48 -27.24
CA VAL B 289 -5.97 -31.01 -27.48
C VAL B 289 -5.65 -29.92 -26.45
N LEU B 290 -4.50 -30.07 -25.80
CA LEU B 290 -3.95 -29.02 -24.95
C LEU B 290 -2.88 -28.27 -25.75
N GLU B 291 -3.07 -26.97 -25.91
CA GLU B 291 -2.19 -26.13 -26.71
C GLU B 291 -1.58 -25.04 -25.84
N ASP B 292 -0.26 -24.91 -25.90
CA ASP B 292 0.45 -23.82 -25.24
C ASP B 292 1.81 -23.68 -25.89
N LEU B 293 2.66 -22.82 -25.32
CA LEU B 293 3.99 -22.63 -25.85
C LEU B 293 4.80 -23.92 -25.75
N PRO B 294 5.70 -24.16 -26.70
CA PRO B 294 6.52 -25.40 -26.65
C PRO B 294 7.17 -25.66 -25.32
N ARG B 295 7.78 -24.63 -24.70
CA ARG B 295 8.43 -24.83 -23.41
C ARG B 295 7.43 -25.19 -22.32
N VAL B 296 6.20 -24.66 -22.41
CA VAL B 296 5.16 -25.04 -21.45
C VAL B 296 4.71 -26.48 -21.70
N ILE B 297 4.53 -26.84 -22.98
CA ILE B 297 4.10 -28.20 -23.31
C ILE B 297 5.15 -29.21 -22.86
N GLN B 298 6.42 -28.85 -22.97
CA GLN B 298 7.49 -29.77 -22.55
C GLN B 298 7.46 -29.99 -21.04
N VAL B 299 7.13 -28.95 -20.27
CA VAL B 299 6.99 -29.12 -18.82
C VAL B 299 5.80 -30.02 -18.52
N VAL B 300 4.70 -29.85 -19.25
CA VAL B 300 3.52 -30.67 -19.04
C VAL B 300 3.85 -32.15 -19.26
N LYS B 301 4.51 -32.46 -20.39
CA LYS B 301 4.84 -33.84 -20.69
C LYS B 301 5.78 -34.45 -19.66
N ASP B 302 6.62 -33.63 -19.03
CA ASP B 302 7.54 -34.14 -18.02
C ASP B 302 6.81 -34.50 -16.73
N THR B 303 5.73 -33.80 -16.41
CA THR B 303 5.02 -33.99 -15.15
C THR B 303 3.71 -34.76 -15.31
N SER B 304 3.33 -35.12 -16.53
N SER B 304 3.32 -35.11 -16.53
CA SER B 304 2.08 -35.82 -16.79
CA SER B 304 2.08 -35.83 -16.78
C SER B 304 2.37 -37.29 -17.08
C SER B 304 2.38 -37.29 -17.09
N ASP B 305 1.35 -38.01 -17.53
CA ASP B 305 1.49 -39.43 -17.86
C ASP B 305 0.42 -39.87 -18.85
N GLN B 309 -6.52 -41.19 -21.14
CA GLN B 309 -5.61 -40.91 -20.05
C GLN B 309 -5.07 -39.48 -20.12
N ALA B 310 -4.85 -39.00 -21.34
CA ALA B 310 -4.25 -37.69 -21.55
C ALA B 310 -4.79 -37.09 -22.83
N PRO B 311 -4.81 -35.77 -22.95
CA PRO B 311 -5.18 -35.13 -24.22
C PRO B 311 -3.97 -35.00 -25.13
N GLN B 312 -4.25 -34.63 -26.38
CA GLN B 312 -3.18 -34.30 -27.30
C GLN B 312 -2.44 -33.06 -26.81
N LEU B 313 -1.11 -33.13 -26.81
CA LEU B 313 -0.26 -32.01 -26.42
C LEU B 313 0.37 -31.41 -27.67
N LEU B 314 0.20 -30.11 -27.87
CA LEU B 314 0.62 -29.43 -29.08
C LEU B 314 1.36 -28.15 -28.72
N GLY B 315 2.64 -28.08 -29.04
CA GLY B 315 3.38 -26.84 -28.90
C GLY B 315 2.95 -25.86 -29.97
N MSE B 316 2.65 -24.63 -29.56
CA MSE B 316 2.03 -23.67 -30.46
C MSE B 316 2.24 -22.22 -30.02
O MSE B 316 2.66 -21.95 -28.90
CB MSE B 316 0.53 -23.96 -30.58
CG MSE B 316 -0.22 -23.73 -29.29
SE MSE B 316 -1.06 -21.98 -29.18
CE MSE B 316 -2.46 -22.21 -30.52
N ASP B 317 1.93 -21.30 -30.92
CA ASP B 317 1.90 -19.86 -30.64
C ASP B 317 0.54 -19.35 -31.11
N PHE B 318 -0.31 -18.92 -30.16
CA PHE B 318 -1.65 -18.54 -30.60
C PHE B 318 -1.68 -17.21 -31.34
N ASN B 319 -0.53 -16.59 -31.62
CA ASN B 319 -0.47 -15.46 -32.54
C ASN B 319 -0.39 -15.90 -34.00
N GLN B 320 -0.14 -17.18 -34.25
CA GLN B 320 -0.13 -17.73 -35.59
C GLN B 320 -1.35 -18.63 -35.80
N GLU B 321 -1.50 -19.13 -37.02
CA GLU B 321 -2.72 -19.83 -37.40
C GLU B 321 -2.89 -21.13 -36.61
N GLN B 322 -4.16 -21.48 -36.38
CA GLN B 322 -4.52 -22.58 -35.50
C GLN B 322 -4.41 -23.91 -36.24
N PRO B 323 -3.55 -24.84 -35.80
CA PRO B 323 -3.37 -26.07 -36.59
C PRO B 323 -4.54 -27.03 -36.52
N VAL B 324 -5.15 -27.21 -35.34
CA VAL B 324 -6.24 -28.16 -35.19
C VAL B 324 -7.52 -27.52 -35.72
N LYS B 325 -8.01 -28.01 -36.85
CA LYS B 325 -9.14 -27.41 -37.55
C LYS B 325 -10.45 -28.09 -37.18
N GLY B 326 -11.52 -27.30 -37.22
CA GLY B 326 -12.87 -27.84 -37.13
C GLY B 326 -13.26 -28.47 -35.82
N ALA B 327 -12.58 -28.13 -34.72
CA ALA B 327 -12.94 -28.68 -33.44
C ALA B 327 -14.31 -28.18 -33.00
N VAL B 328 -15.01 -29.02 -32.23
CA VAL B 328 -16.33 -28.65 -31.75
C VAL B 328 -16.26 -27.42 -30.85
N VAL B 329 -15.31 -27.40 -29.92
CA VAL B 329 -15.20 -26.35 -28.92
C VAL B 329 -13.75 -25.89 -28.86
N TYR B 330 -13.55 -24.58 -28.90
CA TYR B 330 -12.25 -23.96 -28.64
C TYR B 330 -12.34 -23.17 -27.35
N LEU B 331 -11.36 -23.37 -26.46
CA LEU B 331 -11.28 -22.65 -25.20
C LEU B 331 -10.08 -21.73 -25.20
N ILE B 332 -10.28 -20.49 -24.73
CA ILE B 332 -9.18 -19.58 -24.47
C ILE B 332 -9.49 -18.88 -23.14
N ARG B 333 -8.71 -19.20 -22.11
CA ARG B 333 -9.00 -18.78 -20.74
C ARG B 333 -7.84 -17.95 -20.21
N ARG B 334 -8.16 -16.80 -19.63
CA ARG B 334 -7.19 -15.96 -18.92
C ARG B 334 -5.98 -15.61 -19.79
N CYS B 335 -6.21 -15.44 -21.08
CA CYS B 335 -5.16 -15.03 -22.00
C CYS B 335 -5.42 -13.67 -22.63
N LEU B 336 -6.67 -13.39 -22.99
CA LEU B 336 -6.97 -12.18 -23.75
C LEU B 336 -6.69 -10.91 -22.94
N HIS B 337 -6.83 -10.97 -21.61
CA HIS B 337 -6.65 -9.76 -20.82
C HIS B 337 -5.20 -9.29 -20.76
N ASP B 338 -4.25 -10.11 -21.22
CA ASP B 338 -2.84 -9.72 -21.26
C ASP B 338 -2.49 -8.87 -22.48
N TYR B 339 -3.42 -8.67 -23.41
CA TYR B 339 -3.09 -8.10 -24.71
C TYR B 339 -4.02 -6.95 -25.04
N SER B 340 -3.59 -6.14 -26.02
CA SER B 340 -4.39 -5.04 -26.51
C SER B 340 -5.54 -5.54 -27.37
N ASP B 341 -6.48 -4.64 -27.66
CA ASP B 341 -7.67 -5.01 -28.42
C ASP B 341 -7.31 -5.59 -29.78
N GLU B 342 -6.37 -4.97 -30.49
CA GLU B 342 -6.03 -5.43 -31.83
C GLU B 342 -5.30 -6.77 -31.80
N GLN B 343 -4.47 -7.02 -30.78
CA GLN B 343 -3.79 -8.30 -30.69
C GLN B 343 -4.78 -9.42 -30.39
N CYS B 344 -5.78 -9.15 -29.55
CA CYS B 344 -6.82 -10.14 -29.28
C CYS B 344 -7.64 -10.42 -30.54
N VAL B 345 -7.84 -9.39 -31.36
CA VAL B 345 -8.56 -9.58 -32.62
C VAL B 345 -7.82 -10.57 -33.51
N ARG B 346 -6.49 -10.46 -33.58
CA ARG B 346 -5.70 -11.40 -34.37
C ARG B 346 -5.72 -12.79 -33.75
N ILE B 347 -5.62 -12.87 -32.42
CA ILE B 347 -5.65 -14.17 -31.74
C ILE B 347 -6.99 -14.86 -31.99
N LEU B 348 -8.09 -14.15 -31.75
CA LEU B 348 -9.41 -14.72 -32.01
C LEU B 348 -9.62 -14.99 -33.49
N GLY B 349 -9.01 -14.17 -34.36
CA GLY B 349 -9.19 -14.36 -35.79
C GLY B 349 -8.64 -15.68 -36.29
N HIS B 350 -7.51 -16.11 -35.72
CA HIS B 350 -6.97 -17.43 -36.08
C HIS B 350 -7.93 -18.53 -35.67
N LEU B 351 -8.55 -18.40 -34.49
CA LEU B 351 -9.49 -19.41 -34.03
C LEU B 351 -10.75 -19.41 -34.88
N ALA B 352 -11.24 -18.24 -35.27
CA ALA B 352 -12.43 -18.16 -36.10
C ALA B 352 -12.22 -18.83 -37.46
N ALA B 353 -11.05 -18.62 -38.06
CA ALA B 353 -10.76 -19.20 -39.36
C ALA B 353 -10.77 -20.73 -39.30
N ALA B 354 -10.34 -21.31 -38.19
CA ALA B 354 -10.26 -22.76 -38.03
C ALA B 354 -11.57 -23.39 -37.59
N MSE B 355 -12.55 -22.58 -37.17
CA MSE B 355 -13.79 -23.10 -36.64
C MSE B 355 -14.78 -23.49 -37.75
O MSE B 355 -14.82 -22.87 -38.80
CB MSE B 355 -14.44 -22.06 -35.71
CG MSE B 355 -13.87 -22.05 -34.33
SE MSE B 355 -14.93 -21.00 -33.07
CE MSE B 355 -13.98 -19.32 -33.16
N ALA B 356 -15.57 -24.52 -37.48
CA ALA B 356 -16.67 -24.86 -38.36
C ALA B 356 -17.90 -24.02 -38.03
N ALA B 357 -18.96 -24.15 -38.83
CA ALA B 357 -20.15 -23.34 -38.62
C ALA B 357 -20.83 -23.67 -37.30
N ASP B 358 -20.72 -24.90 -36.84
CA ASP B 358 -21.30 -25.32 -35.57
C ASP B 358 -20.32 -25.25 -34.41
N SER B 359 -19.09 -24.81 -34.66
CA SER B 359 -18.10 -24.73 -33.60
C SER B 359 -18.46 -23.64 -32.59
N VAL B 360 -17.92 -23.78 -31.39
CA VAL B 360 -18.15 -22.84 -30.30
C VAL B 360 -16.80 -22.42 -29.74
N LEU B 361 -16.66 -21.13 -29.46
CA LEU B 361 -15.48 -20.60 -28.76
C LEU B 361 -15.93 -20.09 -27.40
N LEU B 362 -15.29 -20.58 -26.35
CA LEU B 362 -15.56 -20.13 -24.99
C LEU B 362 -14.39 -19.28 -24.51
N ILE B 363 -14.66 -18.00 -24.28
CA ILE B 363 -13.67 -17.09 -23.73
C ILE B 363 -13.87 -17.04 -22.22
N GLY B 364 -12.88 -17.53 -21.48
CA GLY B 364 -12.93 -17.45 -20.03
C GLY B 364 -12.18 -16.25 -19.51
N GLU B 365 -12.90 -15.18 -19.18
CA GLU B 365 -12.27 -13.94 -18.76
C GLU B 365 -13.16 -13.22 -17.76
N THR B 366 -12.54 -12.30 -17.03
CA THR B 366 -13.29 -11.34 -16.25
C THR B 366 -14.07 -10.41 -17.19
N VAL B 367 -15.36 -10.25 -16.92
CA VAL B 367 -16.20 -9.31 -17.66
C VAL B 367 -16.46 -8.12 -16.74
N LEU B 368 -15.88 -6.97 -17.10
CA LEU B 368 -16.00 -5.78 -16.27
C LEU B 368 -17.44 -5.27 -16.25
N THR B 369 -17.93 -4.96 -15.06
CA THR B 369 -19.12 -4.13 -14.92
C THR B 369 -18.69 -2.67 -14.87
N ASN B 370 -19.64 -1.79 -15.17
CA ASN B 370 -19.38 -0.35 -15.14
C ASN B 370 -20.21 0.27 -14.03
N PRO B 371 -19.63 0.68 -12.90
CA PRO B 371 -18.20 0.60 -12.57
C PRO B 371 -17.78 -0.78 -12.04
N PRO B 372 -16.49 -1.10 -12.14
CA PRO B 372 -16.03 -2.44 -11.77
C PRO B 372 -15.83 -2.59 -10.27
N SER B 373 -15.67 -3.85 -9.86
CA SER B 373 -15.42 -4.20 -8.48
C SER B 373 -13.96 -3.91 -8.11
N ARG B 374 -13.68 -4.00 -6.80
CA ARG B 374 -12.31 -3.75 -6.33
C ARG B 374 -11.28 -4.68 -6.94
N PRO B 375 -11.46 -6.02 -6.95
CA PRO B 375 -10.40 -6.86 -7.52
C PRO B 375 -10.23 -6.71 -9.01
N THR B 376 -11.33 -6.51 -9.75
CA THR B 376 -11.22 -6.38 -11.20
C THR B 376 -10.61 -5.05 -11.60
N ALA B 377 -10.89 -3.98 -10.84
CA ALA B 377 -10.26 -2.69 -11.13
C ALA B 377 -8.78 -2.71 -10.78
N MSE B 378 -8.42 -3.39 -9.70
CA MSE B 378 -7.03 -3.53 -9.30
C MSE B 378 -6.24 -4.31 -10.35
O MSE B 378 -5.13 -3.92 -10.73
CB MSE B 378 -6.93 -4.22 -7.94
CG MSE B 378 -5.51 -4.45 -7.42
SE MSE B 378 -4.77 -6.16 -7.98
CE MSE B 378 -5.83 -7.34 -6.88
N MSE B 379 -6.82 -5.40 -10.84
N MSE B 379 -6.83 -5.40 -10.82
CA MSE B 379 -6.16 -6.22 -11.85
CA MSE B 379 -6.22 -6.24 -11.86
C MSE B 379 -6.09 -5.47 -13.18
C MSE B 379 -6.08 -5.46 -13.17
O MSE B 379 -5.19 -5.72 -13.99
O MSE B 379 -5.15 -5.69 -13.94
CB MSE B 379 -6.89 -7.56 -12.04
CB MSE B 379 -7.04 -7.51 -12.10
CG MSE B 379 -6.17 -8.55 -12.93
CG MSE B 379 -6.86 -8.58 -11.04
SE MSE B 379 -4.54 -9.29 -12.16
SE MSE B 379 -7.83 -10.22 -11.47
CE MSE B 379 -4.22 -10.74 -13.42
CE MSE B 379 -9.59 -9.73 -10.79
N ASP B 380 -7.02 -4.54 -13.40
CA ASP B 380 -7.02 -3.78 -14.65
C ASP B 380 -5.78 -2.91 -14.76
N ILE B 381 -5.37 -2.28 -13.66
CA ILE B 381 -4.20 -1.42 -13.70
C ILE B 381 -2.91 -2.24 -13.70
N LEU B 382 -2.90 -3.37 -13.00
CA LEU B 382 -1.75 -4.28 -13.08
C LEU B 382 -1.51 -4.72 -14.52
N LEU B 383 -2.59 -5.06 -15.24
CA LEU B 383 -2.45 -5.47 -16.62
C LEU B 383 -1.97 -4.32 -17.51
N ALA B 384 -2.24 -3.08 -17.11
CA ALA B 384 -1.77 -1.94 -17.89
C ALA B 384 -0.25 -1.89 -17.93
N THR B 385 0.41 -2.39 -16.88
CA THR B 385 1.87 -2.40 -16.84
C THR B 385 2.48 -3.40 -17.82
N ILE B 386 1.68 -4.27 -18.42
CA ILE B 386 2.15 -5.19 -19.46
C ILE B 386 1.40 -5.02 -20.77
N GLY B 387 0.65 -3.92 -20.91
CA GLY B 387 -0.06 -3.65 -22.15
C GLY B 387 -1.39 -4.34 -22.30
N GLY B 388 -1.96 -4.88 -21.21
CA GLY B 388 -3.25 -5.50 -21.23
C GLY B 388 -4.30 -4.67 -20.51
N LYS B 389 -5.50 -5.26 -20.42
CA LYS B 389 -6.62 -4.59 -19.79
C LYS B 389 -7.74 -5.59 -19.55
N GLU B 390 -8.60 -5.27 -18.58
CA GLU B 390 -9.87 -5.95 -18.42
C GLU B 390 -10.92 -5.24 -19.28
N ARG B 391 -11.94 -5.98 -19.69
CA ARG B 391 -12.88 -5.50 -20.69
C ARG B 391 -14.32 -5.75 -20.26
N THR B 392 -15.19 -4.81 -20.61
CA THR B 392 -16.63 -5.01 -20.46
C THR B 392 -17.14 -5.97 -21.52
N ILE B 393 -18.41 -6.32 -21.42
CA ILE B 393 -19.04 -7.15 -22.44
C ILE B 393 -19.16 -6.40 -23.76
N ASP B 394 -19.19 -5.06 -23.72
CA ASP B 394 -19.19 -4.27 -24.94
C ASP B 394 -17.83 -4.32 -25.63
N ALA B 395 -16.76 -4.08 -24.86
CA ALA B 395 -15.42 -4.11 -25.44
C ALA B 395 -15.09 -5.50 -25.97
N PHE B 396 -15.58 -6.55 -25.30
CA PHE B 396 -15.42 -7.90 -25.83
C PHE B 396 -16.19 -8.07 -27.13
N GLY B 397 -17.42 -7.57 -27.18
CA GLY B 397 -18.21 -7.68 -28.40
C GLY B 397 -17.58 -6.98 -29.58
N ALA B 398 -16.83 -5.90 -29.33
CA ALA B 398 -16.19 -5.18 -30.42
C ALA B 398 -15.04 -5.99 -31.01
N VAL B 399 -14.16 -6.52 -30.15
CA VAL B 399 -13.04 -7.31 -30.65
C VAL B 399 -13.51 -8.63 -31.21
N VAL B 400 -14.60 -9.18 -30.66
CA VAL B 400 -15.13 -10.45 -31.14
C VAL B 400 -15.68 -10.29 -32.55
N GLY B 401 -16.37 -9.18 -32.82
CA GLY B 401 -16.91 -8.96 -34.15
C GLY B 401 -15.85 -8.67 -35.19
N ARG B 402 -14.71 -8.11 -34.77
CA ARG B 402 -13.62 -7.84 -35.71
C ARG B 402 -12.91 -9.12 -36.15
N ALA B 403 -13.04 -10.20 -35.39
CA ALA B 403 -12.42 -11.47 -35.75
C ALA B 403 -13.34 -12.36 -36.57
N GLY B 404 -14.58 -11.94 -36.83
CA GLY B 404 -15.52 -12.76 -37.53
C GLY B 404 -16.43 -13.57 -36.63
N LEU B 405 -16.70 -13.09 -35.42
CA LEU B 405 -17.47 -13.84 -34.43
C LEU B 405 -18.58 -12.96 -33.87
N ARG B 406 -19.53 -13.60 -33.20
CA ARG B 406 -20.57 -12.90 -32.47
C ARG B 406 -20.77 -13.60 -31.13
N ILE B 407 -21.21 -12.83 -30.15
CA ILE B 407 -21.46 -13.36 -28.81
C ILE B 407 -22.82 -14.05 -28.79
N LYS B 408 -22.81 -15.35 -28.51
CA LYS B 408 -24.05 -16.12 -28.44
C LYS B 408 -24.65 -16.13 -27.04
N GLY B 409 -23.81 -16.00 -26.02
CA GLY B 409 -24.31 -15.99 -24.65
C GLY B 409 -23.13 -15.85 -23.70
N VAL B 410 -23.46 -15.56 -22.45
CA VAL B 410 -22.47 -15.40 -21.39
C VAL B 410 -22.90 -16.23 -20.19
N CYS B 411 -21.99 -17.07 -19.70
CA CYS B 411 -22.20 -17.85 -18.48
C CYS B 411 -21.35 -17.21 -17.38
N LYS B 412 -22.01 -16.60 -16.41
CA LYS B 412 -21.35 -15.76 -15.42
C LYS B 412 -21.17 -16.51 -14.10
N GLN B 413 -20.03 -16.27 -13.46
CA GLN B 413 -19.82 -16.77 -12.10
C GLN B 413 -20.70 -16.00 -11.13
N GLU B 414 -21.33 -16.73 -10.23
CA GLU B 414 -22.06 -16.13 -9.12
C GLU B 414 -21.08 -15.81 -8.00
N GLY B 415 -21.16 -14.59 -7.49
CA GLY B 415 -20.20 -14.13 -6.49
C GLY B 415 -18.91 -13.61 -7.07
N GLY B 416 -18.88 -13.27 -8.34
CA GLY B 416 -17.67 -12.77 -8.97
C GLY B 416 -17.97 -12.32 -10.39
N ASP B 417 -16.92 -11.89 -11.07
CA ASP B 417 -17.05 -11.34 -12.42
C ASP B 417 -16.52 -12.27 -13.51
N PHE B 418 -15.93 -13.41 -13.16
CA PHE B 418 -15.43 -14.32 -14.18
C PHE B 418 -16.58 -14.91 -14.98
N SER B 419 -16.44 -14.91 -16.29
CA SER B 419 -17.52 -15.35 -17.17
C SER B 419 -16.96 -16.25 -18.26
N TYR B 420 -17.87 -16.95 -18.94
CA TYR B 420 -17.55 -17.71 -20.15
C TYR B 420 -18.41 -17.16 -21.26
N ILE B 421 -17.76 -16.48 -22.21
CA ILE B 421 -18.45 -15.86 -23.34
C ILE B 421 -18.51 -16.88 -24.47
N GLU B 422 -19.71 -17.33 -24.80
CA GLU B 422 -19.90 -18.32 -25.86
C GLU B 422 -19.97 -17.61 -27.20
N CYS B 423 -19.02 -17.92 -28.08
CA CYS B 423 -18.89 -17.24 -29.36
C CYS B 423 -19.03 -18.25 -30.50
N VAL B 424 -19.60 -17.78 -31.61
CA VAL B 424 -19.76 -18.57 -32.82
C VAL B 424 -19.36 -17.71 -34.01
N LYS B 425 -19.09 -18.38 -35.14
CA LYS B 425 -18.74 -17.68 -36.37
C LYS B 425 -19.90 -16.79 -36.79
N ALA B 426 -19.58 -15.53 -37.10
CA ALA B 426 -20.59 -14.56 -37.50
C ALA B 426 -21.15 -14.89 -38.88
C1 EDO C . -0.60 18.78 -8.47
O1 EDO C . -0.57 18.80 -9.90
C2 EDO C . 0.72 19.31 -7.93
O2 EDO C . 1.80 18.54 -8.46
C1 GOL D . 3.96 7.01 27.94
O1 GOL D . 3.89 8.20 28.67
C2 GOL D . 5.41 6.47 28.10
O2 GOL D . 6.36 7.40 27.69
C3 GOL D . 5.44 5.17 27.25
O3 GOL D . 4.66 5.40 26.12
C TRS E . 17.47 20.98 11.66
C1 TRS E . 17.33 21.47 10.22
C2 TRS E . 17.81 22.12 12.60
C3 TRS E . 18.58 19.95 11.77
N TRS E . 16.18 20.39 12.09
O1 TRS E . 16.36 22.53 10.16
O2 TRS E . 19.23 22.34 12.59
O3 TRS E . 19.52 20.13 10.71
C1 GOL F . 13.58 -0.91 18.50
O1 GOL F . 13.85 0.36 18.01
C2 GOL F . 14.94 -1.59 18.77
O2 GOL F . 15.83 -0.74 19.41
C3 GOL F . 14.58 -2.83 19.62
O3 GOL F . 15.76 -3.26 20.23
CL CL G . -11.91 0.73 -20.73
C1 PEG H . 0.36 9.93 6.62
O1 PEG H . -0.13 10.25 7.92
C2 PEG H . 1.88 10.04 6.61
O2 PEG H . 2.38 9.88 5.29
C3 PEG H . 3.76 10.21 5.20
C4 PEG H . 4.25 10.03 3.77
O4 PEG H . 5.67 10.21 3.73
C1 EDO I . -0.52 -18.51 -22.31
O1 EDO I . 0.89 -18.68 -22.46
C2 EDO I . -0.92 -18.73 -20.86
O2 EDO I . -0.53 -20.05 -20.45
#